data_7FT5
#
_entry.id   7FT5
#
_cell.length_a   80.342
_cell.length_b   49.174
_cell.length_c   116.216
_cell.angle_alpha   90.000
_cell.angle_beta   95.060
_cell.angle_gamma   90.000
#
_symmetry.space_group_name_H-M   'P 1 21 1'
#
loop_
_entity.id
_entity.type
_entity.pdbx_description
1 polymer Syntenin-1
2 non-polymer '4-(4-methoxyphenyl)oxane-4-carboxylic acid'
3 non-polymer 1,2-ETHANEDIOL
4 non-polymer 'D-GLUTAMIC ACID'
5 non-polymer GLYCINE
6 non-polymer 'SULFATE ION'
7 non-polymer ALANINE
8 water water
#
_entity_poly.entity_id   1
_entity_poly.type   'polypeptide(L)'
_entity_poly.pdbx_seq_one_letter_code
;SMAEIKQGIREVILCKDQDGKIGLRLKSIDNGIFVQLVQANSPASLVGLRFGDQVLQINGENCAGWSSDKAHKVLKQAFG
EKITMTIRDRPFERTITMHKDSTGHVGFIFKNGKITSIVKDSSAARNGLLTEHNICEINGQNVIGLKDSQIADILSTSGT
VVTITIMPAFIFEHIIKRMAPSIMKSLMDHTIPEV
;
_entity_poly.pdbx_strand_id   A,B,C,D
#
loop_
_chem_comp.id
_chem_comp.type
_chem_comp.name
_chem_comp.formula
EDO non-polymer 1,2-ETHANEDIOL 'C2 H6 O2'
SO4 non-polymer 'SULFATE ION' 'O4 S -2'
YEF non-polymer '4-(4-methoxyphenyl)oxane-4-carboxylic acid' 'C13 H16 O4'
#
# COMPACT_ATOMS: atom_id res chain seq x y z
N ILE A 5 0.62 -25.79 -13.27
CA ILE A 5 0.11 -24.92 -12.15
C ILE A 5 -0.74 -25.78 -11.20
N LYS A 6 -0.27 -26.05 -9.98
CA LYS A 6 -1.00 -26.90 -8.99
C LYS A 6 -2.13 -26.08 -8.35
N GLN A 7 -3.35 -26.63 -8.30
CA GLN A 7 -4.58 -25.86 -7.96
C GLN A 7 -4.96 -26.08 -6.50
N GLY A 8 -4.12 -25.62 -5.59
CA GLY A 8 -4.49 -25.31 -4.20
C GLY A 8 -3.28 -24.85 -3.40
N ILE A 9 -3.30 -25.12 -2.11
CA ILE A 9 -2.32 -24.57 -1.13
C ILE A 9 -1.38 -25.70 -0.72
N ARG A 10 -0.08 -25.55 -0.96
CA ARG A 10 0.95 -26.59 -0.68
C ARG A 10 1.89 -26.06 0.41
N GLU A 11 2.52 -26.96 1.15
CA GLU A 11 3.46 -26.60 2.25
C GLU A 11 4.86 -26.90 1.73
N VAL A 12 5.81 -26.03 2.02
CA VAL A 12 7.24 -26.34 1.77
C VAL A 12 8.01 -26.09 3.06
N ILE A 13 9.13 -26.78 3.19
CA ILE A 13 10.01 -26.74 4.37
C ILE A 13 11.40 -26.42 3.83
N LEU A 14 11.97 -25.30 4.28
CA LEU A 14 13.25 -24.75 3.79
C LEU A 14 14.30 -24.84 4.90
N CYS A 15 15.58 -24.75 4.52
CA CYS A 15 16.72 -24.70 5.43
C CYS A 15 17.69 -23.65 4.87
N LYS A 16 17.93 -22.56 5.61
CA LYS A 16 18.97 -21.56 5.26
C LYS A 16 20.23 -22.32 4.84
N ASP A 17 20.96 -21.82 3.85
CA ASP A 17 22.24 -22.44 3.43
C ASP A 17 23.31 -22.00 4.44
N GLN A 18 24.58 -22.29 4.15
CA GLN A 18 25.73 -22.03 5.06
C GLN A 18 25.89 -20.53 5.30
N ASP A 19 25.41 -19.71 4.36
CA ASP A 19 25.58 -18.23 4.37
C ASP A 19 24.35 -17.57 5.00
N GLY A 20 23.41 -18.36 5.50
CA GLY A 20 22.15 -17.84 6.05
C GLY A 20 21.18 -17.36 4.98
N LYS A 21 21.38 -17.74 3.70
CA LYS A 21 20.47 -17.35 2.58
C LYS A 21 19.41 -18.44 2.33
N ILE A 22 18.27 -18.06 1.74
CA ILE A 22 17.29 -19.06 1.18
C ILE A 22 17.11 -18.84 -0.33
N GLY A 23 17.62 -17.72 -0.84
CA GLY A 23 17.65 -17.41 -2.28
C GLY A 23 16.32 -16.83 -2.70
N LEU A 24 15.74 -15.97 -1.89
CA LEU A 24 14.39 -15.47 -2.15
C LEU A 24 14.31 -13.96 -2.00
N ARG A 25 13.57 -13.29 -2.89
CA ARG A 25 13.03 -11.93 -2.67
C ARG A 25 11.53 -12.00 -2.91
N LEU A 26 10.81 -11.24 -2.10
CA LEU A 26 9.35 -11.28 -1.97
C LEU A 26 8.84 -9.88 -2.25
N LYS A 27 7.61 -9.74 -2.68
CA LYS A 27 7.05 -8.45 -3.14
C LYS A 27 5.61 -8.40 -2.65
N SER A 28 5.19 -7.24 -2.14
CA SER A 28 3.79 -6.98 -1.71
C SER A 28 3.01 -6.68 -2.98
N ILE A 29 1.90 -7.39 -3.19
CA ILE A 29 0.96 -7.18 -4.32
C ILE A 29 -0.40 -7.46 -3.72
N ASP A 30 -1.31 -6.49 -3.74
CA ASP A 30 -2.76 -6.74 -3.53
C ASP A 30 -2.97 -7.31 -2.10
N ASN A 31 -2.11 -6.91 -1.15
CA ASN A 31 -2.22 -7.28 0.28
C ASN A 31 -1.89 -8.77 0.43
N GLY A 32 -1.11 -9.27 -0.53
CA GLY A 32 -0.49 -10.59 -0.47
C GLY A 32 0.98 -10.46 -0.62
N ILE A 33 1.66 -11.58 -0.49
CA ILE A 33 3.11 -11.63 -0.73
C ILE A 33 3.36 -12.69 -1.80
N PHE A 34 4.33 -12.35 -2.68
CA PHE A 34 4.59 -13.07 -3.94
C PHE A 34 6.08 -13.13 -4.15
N VAL A 35 6.54 -14.22 -4.75
CA VAL A 35 7.98 -14.42 -5.07
C VAL A 35 8.28 -13.51 -6.27
N GLN A 36 9.39 -12.74 -6.17
CA GLN A 36 9.84 -11.75 -7.20
C GLN A 36 11.09 -12.33 -7.85
N LEU A 37 11.88 -13.08 -7.06
CA LEU A 37 13.20 -13.63 -7.40
C LEU A 37 13.37 -14.97 -6.67
N VAL A 38 13.97 -15.94 -7.38
CA VAL A 38 14.46 -17.21 -6.77
C VAL A 38 15.84 -17.35 -7.36
N GLN A 39 16.85 -17.51 -6.50
CA GLN A 39 18.27 -17.55 -6.88
C GLN A 39 18.59 -18.98 -7.35
N ALA A 40 19.44 -19.13 -8.36
CA ALA A 40 19.92 -20.45 -8.83
C ALA A 40 20.61 -21.17 -7.67
N ASN A 41 20.37 -22.49 -7.55
CA ASN A 41 21.06 -23.41 -6.61
C ASN A 41 20.86 -22.95 -5.17
N SER A 42 19.67 -22.42 -4.85
CA SER A 42 19.33 -21.93 -3.49
C SER A 42 18.38 -22.92 -2.82
N PRO A 43 18.15 -22.80 -1.49
CA PRO A 43 17.13 -23.61 -0.82
C PRO A 43 15.75 -23.40 -1.45
N ALA A 44 15.41 -22.15 -1.78
CA ALA A 44 14.13 -21.80 -2.42
C ALA A 44 13.98 -22.59 -3.72
N SER A 45 14.98 -22.56 -4.59
CA SER A 45 14.95 -23.32 -5.87
C SER A 45 14.81 -24.81 -5.55
N LEU A 46 15.62 -25.34 -4.64
CA LEU A 46 15.66 -26.80 -4.41
C LEU A 46 14.30 -27.32 -3.96
N VAL A 47 13.49 -26.53 -3.25
CA VAL A 47 12.21 -27.05 -2.71
C VAL A 47 11.12 -26.70 -3.71
N GLY A 48 11.49 -26.01 -4.80
CA GLY A 48 10.58 -25.81 -5.94
C GLY A 48 9.80 -24.53 -5.88
N LEU A 49 10.26 -23.51 -5.13
CA LEU A 49 9.64 -22.16 -5.15
C LEU A 49 9.90 -21.55 -6.53
N ARG A 50 8.89 -20.88 -7.07
CA ARG A 50 8.90 -20.31 -8.44
C ARG A 50 8.47 -18.84 -8.39
N PHE A 51 9.08 -18.04 -9.28
CA PHE A 51 8.57 -16.69 -9.61
C PHE A 51 7.04 -16.72 -9.68
N GLY A 52 6.41 -15.78 -8.98
CA GLY A 52 4.95 -15.63 -9.04
C GLY A 52 4.22 -16.43 -7.96
N ASP A 53 4.90 -17.30 -7.21
CA ASP A 53 4.23 -18.06 -6.10
C ASP A 53 3.65 -17.06 -5.09
N GLN A 54 2.53 -17.38 -4.50
CA GLN A 54 1.98 -16.61 -3.38
C GLN A 54 2.28 -17.27 -2.02
N VAL A 55 3.10 -16.52 -1.18
CA VAL A 55 3.40 -16.96 0.22
C VAL A 55 2.23 -16.58 1.14
N LEU A 56 1.41 -17.55 1.53
CA LEU A 56 0.22 -17.38 2.41
C LEU A 56 0.64 -17.33 3.88
N GLN A 57 1.61 -18.14 4.28
CA GLN A 57 2.14 -18.18 5.66
C GLN A 57 3.64 -18.40 5.61
N ILE A 58 4.32 -17.83 6.59
CA ILE A 58 5.72 -18.17 6.96
C ILE A 58 5.71 -18.59 8.43
N ASN A 59 6.22 -19.78 8.73
CA ASN A 59 6.22 -20.36 10.09
C ASN A 59 4.89 -20.18 10.79
N GLY A 60 3.76 -20.30 10.09
CA GLY A 60 2.41 -20.33 10.67
C GLY A 60 1.84 -18.94 10.87
N GLU A 61 2.57 -17.87 10.54
CA GLU A 61 2.06 -16.47 10.54
C GLU A 61 1.50 -16.12 9.15
N ASN A 62 0.28 -15.61 9.08
CA ASN A 62 -0.36 -15.08 7.83
C ASN A 62 0.50 -13.95 7.27
N CYS A 63 0.69 -13.92 5.94
CA CYS A 63 1.47 -12.87 5.25
C CYS A 63 0.55 -11.73 4.83
N ALA A 64 -0.77 -11.92 4.87
CA ALA A 64 -1.74 -10.87 4.49
C ALA A 64 -1.15 -9.50 4.95
N GLY A 65 -1.23 -8.54 4.01
CA GLY A 65 -1.00 -7.10 4.21
C GLY A 65 0.43 -6.77 4.60
N TRP A 66 1.34 -7.76 4.70
CA TRP A 66 2.76 -7.48 5.00
C TRP A 66 3.34 -6.60 3.91
N SER A 67 4.34 -5.76 4.30
CA SER A 67 5.15 -5.01 3.32
C SER A 67 6.20 -6.01 2.85
N SER A 68 6.84 -5.74 1.71
CA SER A 68 8.01 -6.53 1.24
C SER A 68 9.10 -6.49 2.32
N ASP A 69 9.26 -5.33 2.97
CA ASP A 69 10.34 -5.14 3.98
C ASP A 69 10.04 -6.09 5.16
N LYS A 70 8.82 -6.09 5.69
CA LYS A 70 8.44 -6.98 6.81
C LYS A 70 8.68 -8.44 6.40
N ALA A 71 8.28 -8.84 5.19
CA ALA A 71 8.47 -10.24 4.75
C ALA A 71 9.96 -10.58 4.79
N HIS A 72 10.85 -9.72 4.27
CA HIS A 72 12.32 -9.97 4.26
C HIS A 72 12.92 -9.98 5.67
N LYS A 73 12.40 -9.08 6.53
CA LYS A 73 12.71 -9.04 7.97
C LYS A 73 12.40 -10.41 8.56
N VAL A 74 11.16 -10.86 8.42
CA VAL A 74 10.65 -12.13 9.05
C VAL A 74 11.55 -13.29 8.65
N LEU A 75 12.00 -13.36 7.39
CA LEU A 75 12.92 -14.44 6.90
C LEU A 75 14.29 -14.30 7.56
N LYS A 76 14.74 -13.07 7.81
CA LYS A 76 16.07 -12.84 8.45
C LYS A 76 15.99 -13.40 9.88
N GLN A 77 14.96 -13.04 10.65
CA GLN A 77 14.82 -13.43 12.08
C GLN A 77 14.67 -14.95 12.24
N ALA A 78 13.93 -15.62 11.35
CA ALA A 78 13.61 -17.07 11.46
C ALA A 78 14.86 -17.88 11.85
N PHE A 79 14.75 -18.85 12.77
CA PHE A 79 15.80 -19.87 13.06
C PHE A 79 16.09 -20.64 11.76
N GLY A 80 17.36 -20.62 11.32
CA GLY A 80 17.80 -21.18 10.03
C GLY A 80 17.37 -22.63 9.85
N GLU A 81 17.65 -23.45 10.89
CA GLU A 81 17.30 -24.90 11.04
C GLU A 81 16.10 -25.31 10.14
N LYS A 82 14.96 -24.60 10.21
CA LYS A 82 13.71 -25.06 9.55
C LYS A 82 12.68 -23.92 9.47
N ILE A 83 12.40 -23.46 8.23
CA ILE A 83 11.35 -22.47 7.88
C ILE A 83 10.28 -23.20 7.08
N THR A 84 9.02 -23.13 7.53
CA THR A 84 7.88 -23.68 6.79
C THR A 84 7.20 -22.52 6.06
N MET A 85 6.66 -22.79 4.86
CA MET A 85 5.82 -21.82 4.12
C MET A 85 4.63 -22.55 3.52
N THR A 86 3.53 -21.82 3.47
CA THR A 86 2.36 -22.24 2.69
C THR A 86 2.23 -21.35 1.44
N ILE A 87 2.07 -22.03 0.30
CA ILE A 87 2.32 -21.52 -1.07
C ILE A 87 1.04 -21.74 -1.87
N ARG A 88 0.59 -20.73 -2.59
CA ARG A 88 -0.32 -20.90 -3.76
C ARG A 88 0.57 -20.88 -5.01
N ASP A 89 0.43 -21.87 -5.87
CA ASP A 89 1.32 -22.02 -7.06
C ASP A 89 0.92 -20.98 -8.11
N ARG A 90 1.82 -20.06 -8.44
CA ARG A 90 1.75 -19.14 -9.61
C ARG A 90 0.36 -18.66 -9.91
N PRO A 91 -0.37 -18.10 -8.91
CA PRO A 91 -1.79 -17.85 -9.06
C PRO A 91 -2.22 -16.82 -10.12
N PHE A 92 -1.33 -15.91 -10.46
CA PHE A 92 -1.55 -14.90 -11.53
C PHE A 92 -1.23 -15.49 -12.91
N GLU A 93 -0.51 -16.66 -12.98
CA GLU A 93 -0.08 -17.21 -14.29
C GLU A 93 -1.08 -18.25 -14.84
N ARG A 94 -0.95 -18.56 -16.14
CA ARG A 94 -1.65 -19.71 -16.76
C ARG A 94 -0.66 -20.41 -17.69
N THR A 95 -0.98 -21.65 -18.01
CA THR A 95 -0.17 -22.46 -18.96
C THR A 95 -0.95 -22.65 -20.26
N ILE A 96 -0.23 -22.52 -21.37
CA ILE A 96 -0.80 -22.67 -22.74
C ILE A 96 0.08 -23.67 -23.50
N THR A 97 -0.55 -24.72 -24.03
CA THR A 97 0.14 -25.79 -24.79
C THR A 97 -0.15 -25.57 -26.26
N MET A 98 0.92 -25.44 -27.02
CA MET A 98 0.90 -25.25 -28.49
C MET A 98 1.72 -26.35 -29.16
N HIS A 99 1.53 -26.47 -30.48
CA HIS A 99 2.13 -27.49 -31.39
C HIS A 99 2.82 -26.74 -32.54
N LYS A 100 4.15 -26.87 -32.69
CA LYS A 100 4.87 -26.15 -33.78
C LYS A 100 4.37 -26.60 -35.15
N ASP A 101 4.26 -25.65 -36.10
CA ASP A 101 3.95 -25.91 -37.53
C ASP A 101 5.21 -26.48 -38.20
N SER A 102 5.09 -26.89 -39.48
CA SER A 102 6.14 -27.58 -40.27
C SER A 102 7.42 -26.74 -40.40
N THR A 103 7.28 -25.42 -40.32
CA THR A 103 8.40 -24.44 -40.41
C THR A 103 8.96 -24.12 -39.02
N GLY A 104 8.40 -24.72 -37.95
CA GLY A 104 8.93 -24.60 -36.58
C GLY A 104 8.41 -23.39 -35.79
N HIS A 105 7.18 -22.90 -36.05
CA HIS A 105 6.57 -21.75 -35.33
C HIS A 105 5.30 -22.17 -34.58
N VAL A 106 5.14 -21.69 -33.34
CA VAL A 106 3.88 -21.84 -32.56
C VAL A 106 2.90 -20.74 -32.99
N GLY A 107 3.44 -19.62 -33.45
CA GLY A 107 2.67 -18.57 -34.15
C GLY A 107 2.43 -17.33 -33.30
N PHE A 108 3.48 -16.72 -32.75
CA PHE A 108 3.35 -15.41 -32.09
C PHE A 108 4.65 -14.63 -32.24
N ILE A 109 4.55 -13.31 -32.07
CA ILE A 109 5.69 -12.36 -31.99
C ILE A 109 5.69 -11.76 -30.59
N PHE A 110 6.89 -11.52 -30.04
CA PHE A 110 7.06 -10.95 -28.67
C PHE A 110 8.31 -10.03 -28.64
N LYS A 111 8.24 -9.09 -27.66
CA LYS A 111 9.27 -8.03 -27.48
C LYS A 111 9.47 -7.79 -25.98
N ASN A 112 10.70 -7.91 -25.49
CA ASN A 112 11.01 -7.76 -24.04
C ASN A 112 10.02 -8.67 -23.24
N GLY A 113 9.93 -9.95 -23.78
CA GLY A 113 9.25 -11.07 -23.10
C GLY A 113 7.74 -11.01 -23.27
N LYS A 114 7.22 -9.84 -23.71
CA LYS A 114 5.77 -9.60 -23.82
C LYS A 114 5.28 -9.93 -25.24
N ILE A 115 4.29 -10.89 -25.30
CA ILE A 115 3.65 -11.27 -26.58
C ILE A 115 2.94 -10.03 -27.13
N THR A 116 3.19 -9.69 -28.40
CA THR A 116 2.72 -8.42 -29.03
C THR A 116 1.80 -8.73 -30.22
N SER A 117 1.96 -9.89 -30.87
CA SER A 117 1.10 -10.30 -32.02
C SER A 117 0.81 -11.80 -31.96
N ILE A 118 -0.40 -12.19 -32.35
CA ILE A 118 -0.79 -13.61 -32.56
C ILE A 118 -0.99 -13.82 -34.07
N VAL A 119 -0.27 -14.78 -34.65
CA VAL A 119 -0.27 -15.07 -36.11
C VAL A 119 -1.52 -15.87 -36.49
N LYS A 120 -2.21 -15.43 -37.54
CA LYS A 120 -3.45 -16.05 -38.05
C LYS A 120 -3.20 -17.54 -38.28
N ASP A 121 -4.18 -18.36 -37.86
CA ASP A 121 -4.32 -19.82 -38.12
C ASP A 121 -3.08 -20.57 -37.62
N SER A 122 -2.47 -20.09 -36.54
CA SER A 122 -1.35 -20.74 -35.82
C SER A 122 -1.94 -21.53 -34.63
N SER A 123 -1.11 -22.40 -34.04
CA SER A 123 -1.40 -23.14 -32.80
C SER A 123 -1.71 -22.14 -31.69
N ALA A 124 -0.88 -21.10 -31.60
CA ALA A 124 -1.07 -19.93 -30.70
C ALA A 124 -2.46 -19.36 -30.88
N ALA A 125 -2.93 -19.19 -32.11
CA ALA A 125 -4.29 -18.67 -32.38
C ALA A 125 -5.35 -19.68 -31.93
N ARG A 126 -5.16 -20.98 -32.22
CA ARG A 126 -6.16 -22.05 -31.90
C ARG A 126 -6.25 -22.29 -30.39
N ASN A 127 -5.17 -22.04 -29.66
CA ASN A 127 -5.07 -22.28 -28.19
C ASN A 127 -5.32 -20.99 -27.41
N GLY A 128 -5.63 -19.92 -28.13
CA GLY A 128 -6.12 -18.68 -27.50
C GLY A 128 -5.02 -17.98 -26.71
N LEU A 129 -3.78 -18.04 -27.20
CA LEU A 129 -2.68 -17.22 -26.63
C LEU A 129 -3.12 -15.75 -26.68
N LEU A 130 -2.65 -14.95 -25.68
CA LEU A 130 -3.06 -13.52 -25.54
C LEU A 130 -1.83 -12.64 -25.65
N THR A 131 -2.01 -11.44 -26.18
CA THR A 131 -0.98 -10.38 -26.23
C THR A 131 -0.93 -9.71 -24.83
N GLU A 132 -0.12 -8.62 -24.73
CA GLU A 132 0.09 -7.88 -23.45
C GLU A 132 0.11 -8.93 -22.32
N HIS A 133 0.93 -9.98 -22.53
CA HIS A 133 1.19 -11.07 -21.54
C HIS A 133 2.68 -11.38 -21.58
N ASN A 134 3.32 -11.40 -20.41
CA ASN A 134 4.78 -11.67 -20.32
C ASN A 134 5.02 -13.18 -20.17
N ILE A 135 6.02 -13.67 -20.95
CA ILE A 135 6.48 -15.08 -20.84
C ILE A 135 7.25 -15.20 -19.51
N CYS A 136 6.78 -16.05 -18.59
CA CYS A 136 7.49 -16.37 -17.32
C CYS A 136 8.34 -17.65 -17.47
N GLU A 137 7.75 -18.67 -18.09
CA GLU A 137 8.34 -20.02 -18.23
C GLU A 137 8.04 -20.59 -19.63
N ILE A 138 8.98 -21.37 -20.14
CA ILE A 138 8.81 -22.23 -21.34
C ILE A 138 9.17 -23.66 -20.95
N ASN A 139 8.18 -24.56 -21.00
CA ASN A 139 8.34 -25.99 -20.60
C ASN A 139 8.88 -26.08 -19.18
N GLY A 140 8.38 -25.25 -18.26
CA GLY A 140 8.71 -25.29 -16.82
C GLY A 140 10.01 -24.60 -16.46
N GLN A 141 10.76 -24.11 -17.46
CA GLN A 141 12.00 -23.31 -17.30
C GLN A 141 11.67 -21.83 -17.26
N ASN A 142 12.08 -21.19 -16.16
CA ASN A 142 11.94 -19.72 -15.94
C ASN A 142 12.82 -19.00 -16.96
N VAL A 143 12.27 -18.09 -17.77
CA VAL A 143 13.06 -17.37 -18.79
C VAL A 143 13.05 -15.86 -18.50
N ILE A 144 12.55 -15.44 -17.35
CA ILE A 144 12.40 -13.99 -17.00
C ILE A 144 13.78 -13.38 -16.85
N GLY A 145 14.01 -12.27 -17.57
CA GLY A 145 15.29 -11.52 -17.57
C GLY A 145 16.23 -11.98 -18.67
N LEU A 146 15.94 -13.12 -19.32
CA LEU A 146 16.77 -13.59 -20.48
C LEU A 146 16.50 -12.64 -21.67
N LYS A 147 17.48 -12.49 -22.57
CA LYS A 147 17.35 -11.70 -23.82
C LYS A 147 16.22 -12.30 -24.67
N ASP A 148 15.60 -11.48 -25.53
CA ASP A 148 14.63 -11.95 -26.54
C ASP A 148 15.25 -13.06 -27.40
N SER A 149 16.52 -12.94 -27.81
CA SER A 149 17.18 -13.94 -28.69
C SER A 149 17.24 -15.30 -27.98
N GLN A 150 17.51 -15.33 -26.67
CA GLN A 150 17.70 -16.61 -25.93
C GLN A 150 16.34 -17.29 -25.71
N ILE A 151 15.30 -16.49 -25.52
CA ILE A 151 13.91 -17.03 -25.38
C ILE A 151 13.44 -17.67 -26.70
N ALA A 152 13.84 -17.04 -27.83
CA ALA A 152 13.64 -17.60 -29.19
C ALA A 152 14.43 -18.91 -29.32
N ASP A 153 15.70 -18.91 -28.90
CA ASP A 153 16.57 -20.13 -28.91
C ASP A 153 15.90 -21.26 -28.11
N ILE A 154 15.40 -20.97 -26.89
CA ILE A 154 14.81 -22.02 -26.01
C ILE A 154 13.54 -22.54 -26.69
N LEU A 155 12.78 -21.66 -27.34
CA LEU A 155 11.59 -22.09 -28.12
C LEU A 155 12.00 -22.99 -29.29
N SER A 156 13.10 -22.66 -29.99
CA SER A 156 13.58 -23.37 -31.19
C SER A 156 14.14 -24.75 -30.83
N THR A 157 14.63 -24.91 -29.59
CA THR A 157 15.31 -26.15 -29.11
C THR A 157 14.37 -27.01 -28.25
N SER A 158 13.11 -26.58 -28.08
CA SER A 158 12.04 -27.41 -27.48
C SER A 158 11.51 -28.30 -28.60
N GLY A 159 10.87 -29.42 -28.26
CA GLY A 159 10.23 -30.32 -29.25
C GLY A 159 9.10 -29.60 -29.98
N THR A 160 8.21 -30.34 -30.64
CA THR A 160 7.08 -29.73 -31.40
C THR A 160 6.07 -29.20 -30.37
N VAL A 161 6.01 -29.79 -29.17
CA VAL A 161 5.05 -29.42 -28.09
C VAL A 161 5.73 -28.44 -27.13
N VAL A 162 5.19 -27.23 -27.09
CA VAL A 162 5.71 -26.08 -26.31
C VAL A 162 4.64 -25.64 -25.31
N THR A 163 4.96 -25.80 -24.03
CA THR A 163 4.18 -25.21 -22.92
C THR A 163 4.80 -23.87 -22.51
N ILE A 164 3.99 -22.83 -22.53
CA ILE A 164 4.41 -21.46 -22.14
C ILE A 164 3.56 -21.03 -20.94
N THR A 165 4.23 -20.59 -19.87
CA THR A 165 3.56 -19.97 -18.71
C THR A 165 3.60 -18.44 -18.89
N ILE A 166 2.46 -17.81 -18.80
CA ILE A 166 2.26 -16.38 -19.14
C ILE A 166 1.61 -15.70 -17.94
N MET A 167 1.85 -14.39 -17.81
CA MET A 167 1.20 -13.51 -16.79
C MET A 167 0.73 -12.23 -17.49
N PRO A 168 -0.43 -11.69 -17.12
CA PRO A 168 -0.86 -10.37 -17.59
C PRO A 168 0.29 -9.37 -17.34
N ALA A 169 0.60 -8.60 -18.38
CA ALA A 169 1.78 -7.72 -18.38
C ALA A 169 1.72 -6.66 -17.26
N PHE A 170 0.57 -6.06 -17.02
N PHE A 170 0.54 -6.13 -16.98
CA PHE A 170 0.37 -5.11 -15.89
CA PHE A 170 0.27 -5.12 -15.93
C PHE A 170 0.91 -5.79 -14.61
C PHE A 170 0.59 -5.69 -14.53
N ILE A 171 0.39 -7.00 -14.34
CA ILE A 171 0.74 -7.73 -13.07
C ILE A 171 2.21 -7.98 -13.07
N PHE A 172 2.73 -8.53 -14.15
CA PHE A 172 4.16 -8.85 -14.22
C PHE A 172 5.00 -7.59 -13.96
N GLU A 173 4.58 -6.45 -14.51
CA GLU A 173 5.40 -5.20 -14.46
C GLU A 173 5.37 -4.71 -13.01
N HIS A 174 4.24 -4.87 -12.33
CA HIS A 174 4.10 -4.51 -10.90
C HIS A 174 5.01 -5.44 -10.05
N ILE A 175 5.15 -6.72 -10.42
CA ILE A 175 5.91 -7.69 -9.56
C ILE A 175 7.39 -7.38 -9.63
N ILE A 176 7.95 -7.13 -10.82
CA ILE A 176 9.42 -7.00 -11.02
C ILE A 176 9.89 -5.56 -10.71
N LYS A 177 8.98 -4.63 -10.44
CA LYS A 177 9.30 -3.26 -9.93
C LYS A 177 10.37 -3.35 -8.83
N ARG A 178 11.54 -2.74 -9.08
CA ARG A 178 12.66 -2.46 -8.11
C ARG A 178 13.67 -3.60 -8.10
N MET A 179 13.61 -4.50 -9.07
CA MET A 179 14.63 -5.56 -9.30
C MET A 179 15.37 -5.27 -10.61
N ALA A 180 16.69 -5.02 -10.54
CA ALA A 180 17.57 -4.66 -11.67
C ALA A 180 17.53 -5.73 -12.76
N PRO A 181 17.32 -5.38 -14.06
CA PRO A 181 17.43 -6.33 -15.18
C PRO A 181 18.64 -7.29 -15.15
N SER A 182 19.80 -6.87 -14.61
CA SER A 182 21.03 -7.70 -14.50
C SER A 182 20.86 -8.80 -13.43
N ILE A 183 20.23 -8.50 -12.30
CA ILE A 183 19.91 -9.53 -11.26
C ILE A 183 19.02 -10.60 -11.93
N MET A 184 17.95 -10.17 -12.60
CA MET A 184 17.00 -11.03 -13.39
C MET A 184 17.82 -11.90 -14.36
N LYS A 185 18.58 -11.27 -15.26
CA LYS A 185 19.43 -11.97 -16.26
C LYS A 185 20.38 -12.93 -15.52
N SER A 186 21.06 -12.44 -14.48
CA SER A 186 22.24 -13.12 -13.87
C SER A 186 21.81 -14.15 -12.83
N LEU A 187 20.90 -13.81 -11.93
CA LEU A 187 20.64 -14.59 -10.69
C LEU A 187 19.28 -15.31 -10.73
N MET A 188 18.23 -14.73 -11.33
CA MET A 188 16.92 -15.42 -11.50
C MET A 188 17.24 -16.85 -11.98
N ASP A 189 16.72 -17.83 -11.25
CA ASP A 189 16.95 -19.27 -11.54
C ASP A 189 16.34 -19.55 -12.92
N HIS A 190 17.15 -19.98 -13.89
CA HIS A 190 16.72 -20.37 -15.25
C HIS A 190 17.15 -21.82 -15.55
N THR A 191 17.35 -22.65 -14.55
CA THR A 191 17.77 -24.05 -14.79
C THR A 191 16.52 -24.86 -15.12
N ILE A 192 16.68 -25.92 -15.92
CA ILE A 192 15.68 -27.03 -15.96
C ILE A 192 15.65 -27.55 -14.53
N PRO A 193 14.48 -27.73 -13.90
CA PRO A 193 14.42 -28.21 -12.53
C PRO A 193 15.06 -29.60 -12.42
N GLU A 194 15.79 -29.81 -11.32
CA GLU A 194 16.47 -31.07 -10.93
C GLU A 194 15.40 -32.10 -10.58
N VAL A 195 15.76 -33.38 -10.66
CA VAL A 195 14.96 -34.50 -10.10
C VAL A 195 15.86 -35.40 -9.25
N ALA B 3 32.55 7.55 20.24
CA ALA B 3 32.75 7.76 18.77
C ALA B 3 34.08 7.13 18.30
N GLU B 4 34.65 6.24 19.12
CA GLU B 4 36.06 5.74 19.03
C GLU B 4 36.25 4.98 17.70
N ILE B 5 37.34 5.28 16.98
CA ILE B 5 37.70 4.65 15.67
C ILE B 5 38.18 3.21 15.95
N LYS B 6 37.45 2.20 15.46
CA LYS B 6 37.82 0.75 15.58
C LYS B 6 39.07 0.46 14.73
N GLN B 7 40.09 -0.15 15.34
CA GLN B 7 41.29 -0.65 14.60
C GLN B 7 40.94 -1.97 13.90
N GLY B 8 41.74 -2.39 12.93
CA GLY B 8 41.53 -3.63 12.15
C GLY B 8 40.23 -3.62 11.35
N ILE B 9 39.76 -4.81 10.98
CA ILE B 9 38.78 -5.00 9.87
C ILE B 9 37.49 -5.63 10.41
N ARG B 10 36.33 -5.05 10.14
CA ARG B 10 35.02 -5.62 10.59
C ARG B 10 34.18 -6.05 9.36
N GLU B 11 33.30 -7.04 9.55
CA GLU B 11 32.35 -7.52 8.52
C GLU B 11 30.94 -7.05 8.87
N VAL B 12 30.22 -6.50 7.89
CA VAL B 12 28.82 -6.04 8.06
C VAL B 12 27.99 -6.84 7.05
N ILE B 13 26.72 -7.05 7.37
CA ILE B 13 25.78 -7.85 6.54
C ILE B 13 24.56 -6.98 6.24
N LEU B 14 24.33 -6.67 4.96
CA LEU B 14 23.23 -5.78 4.54
C LEU B 14 22.19 -6.53 3.73
N CYS B 15 21.02 -5.91 3.58
CA CYS B 15 19.83 -6.42 2.85
C CYS B 15 19.14 -5.24 2.17
N LYS B 16 19.30 -5.10 0.84
CA LYS B 16 18.61 -4.05 0.03
C LYS B 16 17.14 -3.92 0.47
N ASP B 17 16.61 -2.70 0.58
CA ASP B 17 15.20 -2.51 1.04
C ASP B 17 14.27 -2.78 -0.14
N GLN B 18 12.97 -2.56 0.05
CA GLN B 18 11.96 -2.94 -0.97
C GLN B 18 12.10 -2.07 -2.23
N ASP B 19 13.03 -1.10 -2.27
CA ASP B 19 13.24 -0.26 -3.47
C ASP B 19 14.56 -0.62 -4.15
N GLY B 20 15.20 -1.72 -3.73
CA GLY B 20 16.45 -2.22 -4.31
C GLY B 20 17.64 -1.39 -3.85
N LYS B 21 17.49 -0.62 -2.77
CA LYS B 21 18.51 0.37 -2.31
C LYS B 21 19.23 -0.11 -1.05
N ILE B 22 20.52 0.22 -0.97
CA ILE B 22 21.42 -0.01 0.20
C ILE B 22 21.42 1.27 1.06
N GLY B 23 21.41 2.44 0.38
CA GLY B 23 21.54 3.78 1.00
C GLY B 23 23.00 4.17 1.15
N LEU B 24 23.83 3.87 0.13
CA LEU B 24 25.30 4.08 0.10
C LEU B 24 25.70 4.78 -1.21
N ARG B 25 26.71 5.64 -1.14
CA ARG B 25 27.50 6.07 -2.30
C ARG B 25 28.96 5.81 -1.96
N LEU B 26 29.71 5.31 -2.94
CA LEU B 26 31.07 4.79 -2.85
C LEU B 26 31.93 5.59 -3.83
N LYS B 27 33.13 5.92 -3.39
CA LYS B 27 34.06 6.80 -4.13
C LYS B 27 35.39 6.10 -4.14
N SER B 28 36.06 6.09 -5.29
CA SER B 28 37.49 5.66 -5.42
C SER B 28 38.44 6.73 -4.83
N ILE B 29 39.39 6.31 -3.97
CA ILE B 29 40.43 7.16 -3.34
C ILE B 29 41.70 6.32 -3.19
N ASP B 30 42.78 6.71 -3.84
CA ASP B 30 44.12 6.09 -3.65
C ASP B 30 44.07 4.56 -3.88
N ASN B 31 43.13 4.09 -4.75
CA ASN B 31 43.00 2.66 -5.15
C ASN B 31 42.49 1.78 -3.95
N GLY B 32 41.49 2.49 -3.26
CA GLY B 32 40.53 1.87 -2.34
C GLY B 32 39.20 2.46 -2.65
N ILE B 33 38.17 1.90 -2.01
CA ILE B 33 36.81 2.46 -2.04
C ILE B 33 36.47 2.96 -0.64
N PHE B 34 35.63 4.04 -0.59
CA PHE B 34 35.27 4.78 0.64
C PHE B 34 33.87 5.30 0.51
N VAL B 35 33.18 5.31 1.63
CA VAL B 35 31.77 5.75 1.70
C VAL B 35 31.81 7.28 1.57
N GLN B 36 30.99 7.86 0.67
CA GLN B 36 30.95 9.34 0.51
C GLN B 36 29.58 9.80 0.97
N LEU B 37 28.64 8.86 1.14
CA LEU B 37 27.30 9.15 1.67
C LEU B 37 26.73 7.86 2.27
N VAL B 38 25.96 8.06 3.36
CA VAL B 38 25.05 7.03 3.95
C VAL B 38 23.71 7.75 4.12
N GLN B 39 22.60 7.13 3.73
CA GLN B 39 21.25 7.72 3.90
C GLN B 39 20.74 7.35 5.31
N ALA B 40 19.96 8.24 5.91
CA ALA B 40 19.23 7.92 7.15
C ALA B 40 18.17 6.90 6.76
N ASN B 41 17.74 6.07 7.72
CA ASN B 41 16.63 5.09 7.55
C ASN B 41 16.96 4.16 6.39
N SER B 42 18.21 3.73 6.27
CA SER B 42 18.68 2.82 5.20
C SER B 42 19.34 1.59 5.81
N PRO B 43 19.42 0.47 5.07
CA PRO B 43 20.17 -0.70 5.54
C PRO B 43 21.58 -0.28 5.92
N ALA B 44 22.19 0.60 5.15
CA ALA B 44 23.58 1.06 5.36
C ALA B 44 23.67 1.79 6.71
N SER B 45 22.74 2.71 7.01
CA SER B 45 22.69 3.38 8.33
C SER B 45 22.50 2.32 9.44
N LEU B 46 21.49 1.47 9.32
CA LEU B 46 21.08 0.58 10.45
C LEU B 46 22.21 -0.41 10.79
N VAL B 47 23.10 -0.78 9.86
CA VAL B 47 24.23 -1.71 10.18
C VAL B 47 25.45 -0.90 10.61
N GLY B 48 25.33 0.44 10.66
CA GLY B 48 26.36 1.29 11.24
C GLY B 48 27.47 1.60 10.27
N LEU B 49 27.18 1.59 8.96
CA LEU B 49 28.18 2.14 8.01
C LEU B 49 28.19 3.67 8.18
N ARG B 50 29.36 4.27 7.95
CA ARG B 50 29.64 5.72 8.21
C ARG B 50 30.43 6.33 7.06
N PHE B 51 30.14 7.61 6.77
CA PHE B 51 30.97 8.46 5.88
C PHE B 51 32.43 8.21 6.23
N GLY B 52 33.27 7.95 5.24
CA GLY B 52 34.71 7.77 5.42
C GLY B 52 35.14 6.33 5.66
N ASP B 53 34.19 5.41 5.92
CA ASP B 53 34.48 3.95 5.97
C ASP B 53 35.17 3.52 4.66
N GLN B 54 36.17 2.67 4.77
CA GLN B 54 36.80 2.03 3.61
C GLN B 54 36.12 0.66 3.39
N VAL B 55 35.61 0.41 2.17
CA VAL B 55 35.10 -0.95 1.81
C VAL B 55 36.24 -1.79 1.19
N LEU B 56 36.66 -2.82 1.90
CA LEU B 56 37.80 -3.70 1.48
C LEU B 56 37.29 -4.72 0.48
N GLN B 57 36.13 -5.30 0.75
CA GLN B 57 35.47 -6.28 -0.12
C GLN B 57 33.96 -6.08 -0.14
N ILE B 58 33.34 -6.49 -1.25
CA ILE B 58 31.87 -6.70 -1.35
C ILE B 58 31.64 -8.14 -1.80
N ASN B 59 30.84 -8.89 -1.05
CA ASN B 59 30.52 -10.31 -1.37
C ASN B 59 31.80 -11.06 -1.65
N GLY B 60 32.84 -10.87 -0.86
CA GLY B 60 34.11 -11.61 -0.96
C GLY B 60 34.95 -11.20 -2.16
N GLU B 61 34.59 -10.14 -2.89
CA GLU B 61 35.45 -9.60 -4.00
C GLU B 61 36.25 -8.37 -3.51
N ASN B 62 37.52 -8.27 -3.84
CA ASN B 62 38.39 -7.15 -3.37
C ASN B 62 38.13 -5.86 -4.19
N CYS B 63 37.91 -4.76 -3.43
CA CYS B 63 37.45 -3.44 -3.98
C CYS B 63 38.64 -2.72 -4.59
N ALA B 64 39.86 -3.15 -4.27
CA ALA B 64 41.10 -2.50 -4.70
C ALA B 64 40.97 -2.19 -6.20
N GLY B 65 41.44 -0.99 -6.59
CA GLY B 65 41.57 -0.55 -7.99
C GLY B 65 40.24 -0.17 -8.60
N TRP B 66 39.11 -0.53 -7.98
CA TRP B 66 37.79 -0.23 -8.57
C TRP B 66 37.69 1.27 -8.80
N SER B 67 36.99 1.64 -9.91
CA SER B 67 36.44 3.00 -10.12
C SER B 67 35.16 3.09 -9.28
N SER B 68 34.72 4.31 -8.99
CA SER B 68 33.41 4.62 -8.38
C SER B 68 32.30 4.01 -9.24
N ASP B 69 32.52 4.07 -10.57
CA ASP B 69 31.63 3.48 -11.61
C ASP B 69 31.45 1.99 -11.32
N LYS B 70 32.55 1.23 -11.22
CA LYS B 70 32.45 -0.24 -10.98
C LYS B 70 31.75 -0.55 -9.64
N ALA B 71 32.08 0.20 -8.59
CA ALA B 71 31.46 0.07 -7.25
C ALA B 71 29.97 0.37 -7.35
N HIS B 72 29.60 1.51 -7.98
CA HIS B 72 28.19 1.93 -8.18
C HIS B 72 27.42 0.79 -8.87
N LYS B 73 28.09 0.08 -9.77
CA LYS B 73 27.49 -0.96 -10.65
C LYS B 73 27.43 -2.29 -9.89
N VAL B 74 28.51 -2.67 -9.19
CA VAL B 74 28.51 -3.91 -8.34
C VAL B 74 27.34 -3.87 -7.33
N LEU B 75 27.08 -2.74 -6.67
CA LEU B 75 25.97 -2.65 -5.67
C LEU B 75 24.62 -2.73 -6.40
N LYS B 76 24.53 -2.08 -7.56
CA LYS B 76 23.30 -2.06 -8.42
C LYS B 76 22.94 -3.51 -8.79
N GLN B 77 23.93 -4.38 -9.03
CA GLN B 77 23.73 -5.74 -9.58
C GLN B 77 23.56 -6.79 -8.46
N ALA B 78 24.01 -6.44 -7.22
CA ALA B 78 24.00 -7.34 -6.05
C ALA B 78 22.60 -7.90 -5.80
N PHE B 79 22.46 -9.21 -5.63
CA PHE B 79 21.19 -9.83 -5.15
C PHE B 79 20.89 -9.20 -3.76
N GLY B 80 19.70 -8.68 -3.56
CA GLY B 80 19.43 -7.84 -2.37
C GLY B 80 19.34 -8.61 -1.05
N GLU B 81 19.39 -9.95 -1.04
CA GLU B 81 18.97 -10.75 0.14
C GLU B 81 20.03 -10.63 1.23
N LYS B 82 21.28 -10.81 0.84
CA LYS B 82 22.44 -10.78 1.77
C LYS B 82 23.63 -10.25 0.99
N ILE B 83 24.12 -9.08 1.38
CA ILE B 83 25.33 -8.44 0.85
C ILE B 83 26.31 -8.39 2.01
N THR B 84 27.46 -9.03 1.86
CA THR B 84 28.54 -8.95 2.86
C THR B 84 29.48 -7.85 2.40
N MET B 85 30.02 -7.11 3.37
CA MET B 85 31.13 -6.12 3.16
C MET B 85 32.15 -6.27 4.30
N THR B 86 33.44 -6.23 3.97
CA THR B 86 34.53 -6.05 4.96
C THR B 86 34.94 -4.57 4.96
N ILE B 87 34.83 -3.95 6.14
CA ILE B 87 35.01 -2.49 6.38
C ILE B 87 36.28 -2.26 7.21
N ARG B 88 36.97 -1.13 6.98
CA ARG B 88 37.83 -0.45 7.98
C ARG B 88 37.11 0.82 8.43
N ASP B 89 36.96 1.00 9.75
CA ASP B 89 36.26 2.15 10.36
C ASP B 89 37.05 3.43 10.04
N ARG B 90 36.42 4.36 9.32
CA ARG B 90 36.86 5.77 9.10
C ARG B 90 38.38 5.90 9.20
N PRO B 91 39.15 5.23 8.33
CA PRO B 91 40.60 5.22 8.43
C PRO B 91 41.30 6.57 8.23
N PHE B 92 40.67 7.52 7.54
CA PHE B 92 41.30 8.85 7.28
C PHE B 92 40.98 9.78 8.45
N GLU B 93 40.17 9.34 9.42
CA GLU B 93 39.67 10.18 10.53
C GLU B 93 40.35 9.81 11.87
N ARG B 94 40.12 10.69 12.85
CA ARG B 94 40.47 10.51 14.28
C ARG B 94 39.45 11.25 15.12
N THR B 95 39.34 10.87 16.38
CA THR B 95 38.45 11.56 17.35
C THR B 95 39.30 12.33 18.35
N ILE B 96 38.84 13.53 18.68
CA ILE B 96 39.43 14.45 19.69
C ILE B 96 38.32 14.64 20.72
N THR B 97 38.57 14.30 21.97
CA THR B 97 37.64 14.57 23.08
C THR B 97 38.12 15.83 23.81
N MET B 98 37.20 16.71 24.15
CA MET B 98 37.47 18.01 24.78
C MET B 98 36.40 18.28 25.84
N HIS B 99 36.72 19.13 26.84
CA HIS B 99 35.81 19.60 27.92
C HIS B 99 35.48 21.07 27.69
N LYS B 100 34.20 21.40 27.47
CA LYS B 100 33.72 22.82 27.47
C LYS B 100 34.18 23.50 28.77
N ASP B 101 34.70 24.72 28.71
CA ASP B 101 35.06 25.51 29.92
C ASP B 101 33.76 26.08 30.52
N SER B 102 33.90 26.92 31.55
CA SER B 102 32.77 27.56 32.28
C SER B 102 31.93 28.39 31.31
N THR B 103 32.53 28.91 30.23
CA THR B 103 31.82 29.71 29.19
C THR B 103 31.05 28.77 28.24
N GLY B 104 31.38 27.46 28.22
CA GLY B 104 30.69 26.45 27.38
C GLY B 104 31.38 26.30 26.02
N HIS B 105 32.69 26.51 26.00
CA HIS B 105 33.53 26.55 24.77
C HIS B 105 34.66 25.53 24.89
N VAL B 106 35.02 24.86 23.80
CA VAL B 106 36.12 23.86 23.77
C VAL B 106 37.34 24.52 23.14
N GLY B 107 37.11 25.55 22.32
CA GLY B 107 38.11 26.56 21.98
C GLY B 107 38.63 26.46 20.56
N PHE B 108 37.74 26.52 19.58
CA PHE B 108 38.23 26.69 18.19
C PHE B 108 37.22 27.50 17.36
N ILE B 109 37.77 27.97 16.26
CA ILE B 109 37.00 28.64 15.19
C ILE B 109 36.96 27.68 14.00
N PHE B 110 35.81 27.60 13.34
CA PHE B 110 35.68 26.87 12.06
C PHE B 110 34.78 27.66 11.10
N LYS B 111 34.97 27.45 9.79
CA LYS B 111 34.11 27.98 8.70
C LYS B 111 33.92 26.90 7.62
N ASN B 112 32.68 26.73 7.16
CA ASN B 112 32.24 25.62 6.27
C ASN B 112 32.77 24.29 6.82
N GLY B 113 32.50 23.99 8.09
CA GLY B 113 32.91 22.74 8.74
C GLY B 113 34.41 22.57 8.91
N LYS B 114 35.22 23.51 8.42
CA LYS B 114 36.70 23.39 8.49
C LYS B 114 37.26 24.21 9.66
N ILE B 115 38.08 23.56 10.50
CA ILE B 115 38.72 24.17 11.70
C ILE B 115 39.81 25.11 11.19
N THR B 116 39.68 26.39 11.53
CA THR B 116 40.54 27.47 10.98
C THR B 116 41.48 27.99 12.08
N SER B 117 41.09 27.95 13.34
CA SER B 117 41.97 28.48 14.42
C SER B 117 41.71 27.76 15.74
N ILE B 118 42.77 27.56 16.53
CA ILE B 118 42.76 26.92 17.88
C ILE B 118 43.03 28.03 18.89
N VAL B 119 42.08 28.27 19.79
CA VAL B 119 42.15 29.31 20.86
C VAL B 119 43.20 28.88 21.89
N LYS B 120 44.06 29.82 22.29
CA LYS B 120 45.14 29.63 23.30
C LYS B 120 44.53 29.18 24.63
N ASP B 121 45.19 28.25 25.32
CA ASP B 121 44.78 27.73 26.66
C ASP B 121 43.33 27.19 26.69
N SER B 122 42.86 26.63 25.57
CA SER B 122 41.53 25.99 25.44
C SER B 122 41.66 24.48 25.67
N SER B 123 40.54 23.78 25.84
CA SER B 123 40.51 22.29 25.80
C SER B 123 41.07 21.83 24.43
N ALA B 124 40.64 22.49 23.35
CA ALA B 124 41.12 22.22 21.98
C ALA B 124 42.65 22.31 21.93
N ALA B 125 43.26 23.32 22.54
CA ALA B 125 44.74 23.46 22.54
C ALA B 125 45.37 22.36 23.39
N ARG B 126 44.71 21.99 24.49
CA ARG B 126 45.20 20.95 25.44
C ARG B 126 45.22 19.61 24.70
N ASN B 127 44.15 19.30 23.95
CA ASN B 127 43.97 17.96 23.32
C ASN B 127 44.57 17.92 21.90
N GLY B 128 45.26 18.97 21.44
CA GLY B 128 46.04 18.99 20.17
C GLY B 128 45.17 19.04 18.92
N LEU B 129 43.96 19.61 19.00
CA LEU B 129 43.07 19.86 17.83
C LEU B 129 43.85 20.60 16.73
N LEU B 130 43.58 20.27 15.47
CA LEU B 130 44.38 20.74 14.30
C LEU B 130 43.48 21.60 13.41
N THR B 131 44.09 22.56 12.72
CA THR B 131 43.38 23.37 11.69
C THR B 131 43.41 22.61 10.36
N GLU B 132 42.66 23.11 9.37
CA GLU B 132 42.75 22.54 7.98
C GLU B 132 42.35 21.05 8.10
N HIS B 133 41.33 20.83 8.95
CA HIS B 133 40.63 19.57 9.21
C HIS B 133 39.13 19.86 9.15
N ASN B 134 38.40 19.03 8.42
CA ASN B 134 36.93 19.12 8.36
C ASN B 134 36.37 18.38 9.57
N ILE B 135 35.27 18.88 10.09
CA ILE B 135 34.46 18.19 11.12
C ILE B 135 33.48 17.24 10.42
N CYS B 136 33.62 15.93 10.67
CA CYS B 136 32.75 14.86 10.13
C CYS B 136 31.65 14.49 11.14
N GLU B 137 32.03 14.38 12.41
CA GLU B 137 31.08 13.95 13.47
C GLU B 137 31.32 14.71 14.79
N ILE B 138 30.22 14.96 15.49
CA ILE B 138 30.19 15.44 16.91
C ILE B 138 29.49 14.40 17.79
N ASN B 139 30.23 13.83 18.74
CA ASN B 139 29.74 12.72 19.60
C ASN B 139 29.16 11.60 18.73
N GLY B 140 29.83 11.29 17.61
CA GLY B 140 29.46 10.15 16.75
C GLY B 140 28.36 10.49 15.76
N GLN B 141 27.81 11.70 15.81
CA GLN B 141 26.71 12.12 14.92
C GLN B 141 27.32 12.81 13.69
N ASN B 142 26.99 12.29 12.51
CA ASN B 142 27.42 12.86 11.21
C ASN B 142 26.88 14.30 11.11
N VAL B 143 27.74 15.29 10.89
CA VAL B 143 27.31 16.71 10.68
C VAL B 143 27.75 17.21 9.29
N ILE B 144 28.19 16.31 8.41
CA ILE B 144 28.62 16.69 7.04
C ILE B 144 27.41 17.22 6.26
N GLY B 145 27.57 18.42 5.71
CA GLY B 145 26.52 19.11 4.93
C GLY B 145 25.61 19.94 5.80
N LEU B 146 25.81 19.97 7.12
CA LEU B 146 25.07 20.88 8.03
C LEU B 146 25.65 22.30 7.87
N LYS B 147 24.85 23.34 8.14
CA LYS B 147 25.31 24.76 8.19
C LYS B 147 26.16 24.96 9.43
N ASP B 148 27.09 25.91 9.38
CA ASP B 148 28.00 26.20 10.51
C ASP B 148 27.18 26.50 11.78
N SER B 149 26.01 27.13 11.69
CA SER B 149 25.15 27.35 12.89
C SER B 149 24.55 26.04 13.40
N GLN B 150 24.20 25.10 12.51
CA GLN B 150 23.64 23.78 12.93
C GLN B 150 24.73 22.99 13.70
N ILE B 151 25.97 22.98 13.20
CA ILE B 151 27.12 22.35 13.91
C ILE B 151 27.33 23.05 15.25
N ALA B 152 27.18 24.38 15.28
CA ALA B 152 27.39 25.21 16.50
C ALA B 152 26.32 24.83 17.54
N ASP B 153 25.05 24.77 17.16
CA ASP B 153 23.94 24.38 18.08
C ASP B 153 24.19 22.99 18.68
N ILE B 154 24.73 22.06 17.88
CA ILE B 154 24.96 20.64 18.32
C ILE B 154 26.08 20.63 19.38
N LEU B 155 27.13 21.43 19.18
CA LEU B 155 28.19 21.58 20.21
C LEU B 155 27.57 22.17 21.48
N SER B 156 26.52 22.98 21.37
CA SER B 156 25.92 23.74 22.49
C SER B 156 24.95 22.84 23.28
N THR B 157 24.04 22.15 22.58
CA THR B 157 23.01 21.27 23.18
C THR B 157 23.70 20.05 23.78
N SER B 158 24.89 19.70 23.27
CA SER B 158 25.76 18.57 23.72
C SER B 158 26.08 18.71 25.21
N GLY B 159 26.84 17.73 25.74
CA GLY B 159 27.31 17.73 27.13
C GLY B 159 28.49 18.64 27.35
N THR B 160 29.12 18.53 28.52
CA THR B 160 30.42 19.17 28.85
C THR B 160 31.50 18.48 28.06
N VAL B 161 31.40 17.15 27.99
CA VAL B 161 32.38 16.28 27.31
C VAL B 161 31.94 16.20 25.84
N VAL B 162 32.83 16.57 24.92
CA VAL B 162 32.54 16.72 23.46
C VAL B 162 33.64 15.95 22.69
N THR B 163 33.25 14.91 21.96
CA THR B 163 34.14 14.19 21.00
C THR B 163 33.86 14.73 19.59
N ILE B 164 34.93 15.09 18.89
CA ILE B 164 34.85 15.58 17.48
C ILE B 164 35.67 14.63 16.61
N THR B 165 35.05 14.09 15.58
CA THR B 165 35.73 13.29 14.53
C THR B 165 36.16 14.25 13.41
N ILE B 166 37.44 14.23 13.05
CA ILE B 166 38.04 15.16 12.05
C ILE B 166 38.77 14.37 10.96
N MET B 167 38.87 14.97 9.77
CA MET B 167 39.61 14.41 8.61
C MET B 167 40.41 15.54 7.98
N PRO B 168 41.67 15.31 7.56
CA PRO B 168 42.42 16.32 6.81
C PRO B 168 41.59 16.91 5.64
N ALA B 169 41.53 18.25 5.58
CA ALA B 169 40.71 19.02 4.60
C ALA B 169 40.92 18.55 3.15
N PHE B 170 42.17 18.34 2.75
N PHE B 170 42.16 18.40 2.71
CA PHE B 170 42.55 17.88 1.39
CA PHE B 170 42.49 17.88 1.35
C PHE B 170 41.89 16.52 1.08
C PHE B 170 41.70 16.58 1.13
N ILE B 171 41.77 15.64 2.09
CA ILE B 171 41.18 14.27 1.90
C ILE B 171 39.69 14.42 1.81
N PHE B 172 39.09 15.12 2.77
CA PHE B 172 37.65 15.38 2.78
C PHE B 172 37.18 15.96 1.43
N GLU B 173 37.92 16.91 0.86
CA GLU B 173 37.51 17.55 -0.43
C GLU B 173 37.58 16.52 -1.59
N HIS B 174 38.57 15.61 -1.58
CA HIS B 174 38.69 14.47 -2.54
C HIS B 174 37.50 13.51 -2.38
N ILE B 175 37.07 13.19 -1.16
CA ILE B 175 36.03 12.16 -0.91
C ILE B 175 34.66 12.66 -1.39
N ILE B 176 34.36 13.95 -1.25
CA ILE B 176 33.03 14.49 -1.65
C ILE B 176 32.97 14.83 -3.15
N LYS B 177 34.03 14.61 -3.94
CA LYS B 177 34.01 14.77 -5.42
C LYS B 177 33.07 13.75 -6.09
N ARG B 178 32.68 14.08 -7.33
CA ARG B 178 31.65 13.35 -8.12
C ARG B 178 30.44 13.11 -7.22
N MET B 179 29.88 14.17 -6.66
CA MET B 179 28.65 14.10 -5.86
C MET B 179 28.07 15.51 -5.77
N ALA B 180 26.79 15.67 -6.12
CA ALA B 180 26.08 16.96 -6.19
C ALA B 180 25.87 17.47 -4.77
N PRO B 181 26.55 18.55 -4.34
CA PRO B 181 26.43 19.05 -2.97
C PRO B 181 24.99 19.07 -2.46
N SER B 182 24.02 19.25 -3.36
CA SER B 182 22.58 19.31 -3.03
C SER B 182 22.05 17.89 -2.70
N ILE B 183 22.68 16.84 -3.26
CA ILE B 183 22.43 15.42 -2.87
C ILE B 183 22.96 15.18 -1.44
N MET B 184 24.24 15.48 -1.22
CA MET B 184 24.97 15.31 0.07
C MET B 184 24.15 16.01 1.16
N LYS B 185 23.92 17.31 0.98
CA LYS B 185 23.18 18.17 1.92
C LYS B 185 21.83 17.53 2.27
N SER B 186 21.12 16.95 1.32
CA SER B 186 19.71 16.54 1.53
C SER B 186 19.59 15.04 1.88
N LEU B 187 20.58 14.20 1.56
CA LEU B 187 20.44 12.73 1.79
C LEU B 187 21.30 12.26 2.99
N MET B 188 22.35 13.02 3.35
CA MET B 188 23.35 12.55 4.35
C MET B 188 22.65 12.20 5.68
N ASP B 189 23.10 11.10 6.28
CA ASP B 189 22.62 10.55 7.57
C ASP B 189 23.12 11.47 8.70
N HIS B 190 22.23 11.99 9.54
CA HIS B 190 22.56 12.79 10.75
C HIS B 190 21.83 12.17 11.95
N THR B 191 21.63 10.86 11.89
CA THR B 191 21.06 10.07 13.00
C THR B 191 21.98 10.13 14.21
N ILE B 192 21.40 10.34 15.39
CA ILE B 192 22.15 10.28 16.66
C ILE B 192 22.41 8.79 16.91
N PRO B 193 23.68 8.37 17.17
CA PRO B 193 24.00 6.96 17.37
C PRO B 193 23.11 6.31 18.44
N GLU B 194 22.49 5.19 18.10
CA GLU B 194 21.60 4.42 19.01
C GLU B 194 22.41 3.31 19.66
N VAL B 195 21.94 2.79 20.80
CA VAL B 195 22.48 1.54 21.42
C VAL B 195 21.41 0.46 21.29
N ALA C 3 -18.64 -23.76 -8.99
CA ALA C 3 -17.64 -22.63 -8.94
C ALA C 3 -16.30 -23.09 -9.56
N GLU C 4 -15.96 -24.39 -9.43
CA GLU C 4 -14.59 -24.92 -9.69
C GLU C 4 -14.23 -24.59 -11.15
N ILE C 5 -13.06 -24.00 -11.39
CA ILE C 5 -12.65 -23.54 -12.76
C ILE C 5 -12.04 -24.71 -13.54
N LYS C 6 -12.68 -25.12 -14.63
CA LYS C 6 -12.26 -26.27 -15.48
C LYS C 6 -10.98 -25.92 -16.24
N GLN C 7 -10.00 -26.81 -16.22
CA GLN C 7 -8.75 -26.67 -17.00
C GLN C 7 -9.04 -26.92 -18.48
N GLY C 8 -8.16 -26.45 -19.37
CA GLY C 8 -8.13 -26.88 -20.77
C GLY C 8 -9.25 -26.24 -21.57
N ILE C 9 -9.56 -26.86 -22.72
CA ILE C 9 -10.45 -26.31 -23.79
C ILE C 9 -11.72 -27.16 -23.83
N ARG C 10 -12.89 -26.52 -23.69
N ARG C 10 -12.90 -26.57 -23.93
CA ARG C 10 -14.17 -27.31 -23.88
CA ARG C 10 -14.21 -27.27 -23.92
C ARG C 10 -14.53 -27.23 -25.75
C ARG C 10 -15.05 -26.79 -25.12
N GLU C 11 -15.79 -27.70 -25.80
CA GLU C 11 -16.75 -27.40 -26.88
C GLU C 11 -18.16 -27.25 -26.30
N VAL C 12 -18.93 -26.30 -26.81
CA VAL C 12 -20.39 -26.22 -26.53
C VAL C 12 -21.09 -26.08 -27.88
N ILE C 13 -22.31 -26.58 -27.92
CA ILE C 13 -23.19 -26.64 -29.11
C ILE C 13 -24.42 -25.84 -28.68
N LEU C 14 -24.76 -24.81 -29.44
CA LEU C 14 -25.84 -23.82 -29.12
C LEU C 14 -26.87 -23.79 -30.25
N CYS C 15 -28.11 -23.40 -29.93
CA CYS C 15 -29.16 -23.09 -30.93
C CYS C 15 -29.76 -21.75 -30.55
N LYS C 16 -29.90 -20.86 -31.53
CA LYS C 16 -30.60 -19.56 -31.37
C LYS C 16 -32.00 -19.84 -30.82
N ASP C 17 -32.53 -18.94 -29.99
CA ASP C 17 -33.89 -19.09 -29.45
C ASP C 17 -34.87 -18.61 -30.52
N GLN C 18 -36.11 -18.39 -30.11
CA GLN C 18 -37.21 -18.03 -31.04
C GLN C 18 -37.08 -16.56 -31.45
N ASP C 19 -36.24 -15.78 -30.77
CA ASP C 19 -35.97 -14.35 -31.13
C ASP C 19 -34.67 -14.26 -31.96
N GLY C 20 -34.04 -15.39 -32.32
CA GLY C 20 -32.78 -15.44 -33.08
C GLY C 20 -31.56 -15.12 -32.22
N LYS C 21 -31.70 -15.18 -30.89
CA LYS C 21 -30.64 -14.82 -29.91
C LYS C 21 -30.00 -16.06 -29.30
N ILE C 22 -28.74 -16.01 -28.90
CA ILE C 22 -28.11 -17.02 -27.99
C ILE C 22 -27.84 -16.42 -26.61
N GLY C 23 -27.85 -15.08 -26.48
CA GLY C 23 -27.90 -14.37 -25.19
C GLY C 23 -26.51 -14.01 -24.69
N LEU C 24 -25.64 -13.52 -25.58
CA LEU C 24 -24.23 -13.18 -25.29
C LEU C 24 -23.96 -11.71 -25.68
N ARG C 25 -22.97 -11.07 -24.97
CA ARG C 25 -22.19 -9.88 -25.42
C ARG C 25 -20.73 -10.35 -25.35
N LEU C 26 -19.99 -10.17 -26.44
CA LEU C 26 -18.58 -10.59 -26.52
C LEU C 26 -17.73 -9.34 -26.57
N LYS C 27 -16.51 -9.44 -26.06
CA LYS C 27 -15.55 -8.31 -25.94
C LYS C 27 -14.17 -8.80 -26.36
N SER C 28 -13.46 -8.01 -27.16
CA SER C 28 -12.03 -8.20 -27.47
C SER C 28 -11.21 -7.79 -26.25
N ILE C 29 -10.12 -8.55 -26.00
CA ILE C 29 -9.18 -8.38 -24.86
C ILE C 29 -7.89 -9.11 -25.23
N ASP C 30 -6.77 -8.36 -25.34
CA ASP C 30 -5.41 -8.92 -25.61
C ASP C 30 -5.44 -9.86 -26.83
N ASN C 31 -6.39 -9.56 -27.77
CA ASN C 31 -6.46 -10.27 -29.08
C ASN C 31 -7.02 -11.67 -28.79
N GLY C 32 -7.72 -11.77 -27.60
CA GLY C 32 -8.71 -12.81 -27.31
C GLY C 32 -10.12 -12.23 -27.30
N ILE C 33 -11.13 -13.09 -27.37
CA ILE C 33 -12.57 -12.71 -27.26
C ILE C 33 -13.18 -13.37 -26.01
N PHE C 34 -14.02 -12.59 -25.28
CA PHE C 34 -14.50 -12.96 -23.92
C PHE C 34 -15.97 -12.60 -23.74
N VAL C 35 -16.65 -13.41 -22.92
CA VAL C 35 -18.05 -13.13 -22.48
C VAL C 35 -17.97 -11.98 -21.44
N GLN C 36 -18.69 -10.82 -21.82
CA GLN C 36 -18.88 -9.67 -20.88
C GLN C 36 -20.30 -9.75 -20.34
N LEU C 37 -21.16 -10.54 -20.98
CA LEU C 37 -22.52 -10.71 -20.57
C LEU C 37 -22.96 -12.10 -21.04
N VAL C 38 -23.84 -12.69 -20.18
CA VAL C 38 -24.64 -13.91 -20.49
C VAL C 38 -26.01 -13.62 -19.92
N GLN C 39 -27.06 -13.64 -20.76
CA GLN C 39 -28.42 -13.28 -20.34
C GLN C 39 -29.05 -14.50 -19.62
N ALA C 40 -29.75 -14.23 -18.51
CA ALA C 40 -30.47 -15.25 -17.71
C ALA C 40 -31.54 -15.93 -18.58
N ASN C 41 -31.43 -17.27 -18.72
CA ASN C 41 -32.53 -18.09 -19.29
C ASN C 41 -32.35 -18.17 -20.82
N SER C 42 -31.14 -17.89 -21.29
CA SER C 42 -30.75 -17.90 -22.72
C SER C 42 -30.12 -19.25 -23.06
N PRO C 43 -30.09 -19.65 -24.35
CA PRO C 43 -29.27 -20.78 -24.78
C PRO C 43 -27.85 -20.82 -24.24
N ALA C 44 -27.17 -19.65 -24.24
CA ALA C 44 -25.84 -19.45 -23.62
C ALA C 44 -25.88 -19.92 -22.17
N SER C 45 -26.77 -19.37 -21.32
CA SER C 45 -26.76 -19.71 -19.88
C SER C 45 -27.06 -21.20 -19.70
N LEU C 46 -28.08 -21.72 -20.41
CA LEU C 46 -28.58 -23.13 -20.30
C LEU C 46 -27.43 -24.10 -20.60
N VAL C 47 -26.54 -23.76 -21.53
CA VAL C 47 -25.45 -24.68 -21.94
C VAL C 47 -24.21 -24.47 -21.04
N GLY C 48 -24.20 -23.49 -20.14
CA GLY C 48 -23.11 -23.34 -19.14
C GLY C 48 -22.07 -22.26 -19.48
N LEU C 49 -22.38 -21.29 -20.34
CA LEU C 49 -21.41 -20.18 -20.59
C LEU C 49 -21.54 -19.18 -19.45
N ARG C 50 -20.41 -18.60 -19.09
CA ARG C 50 -20.24 -17.70 -17.93
C ARG C 50 -19.47 -16.46 -18.37
N PHE C 51 -19.85 -15.30 -17.82
CA PHE C 51 -19.00 -14.10 -17.75
C PHE C 51 -17.57 -14.49 -17.56
N GLY C 52 -16.67 -13.96 -18.41
CA GLY C 52 -15.23 -14.10 -18.25
C GLY C 52 -14.72 -15.29 -19.05
N ASP C 53 -15.61 -16.12 -19.62
CA ASP C 53 -15.16 -17.27 -20.49
C ASP C 53 -14.44 -16.72 -21.74
N GLN C 54 -13.48 -17.44 -22.25
CA GLN C 54 -12.81 -17.13 -23.51
C GLN C 54 -13.36 -17.98 -24.66
N VAL C 55 -13.82 -17.35 -25.75
CA VAL C 55 -14.20 -18.03 -27.03
C VAL C 55 -12.97 -18.13 -27.94
N LEU C 56 -12.38 -19.32 -28.03
CA LEU C 56 -11.24 -19.62 -28.94
C LEU C 56 -11.71 -19.72 -30.40
N GLN C 57 -12.85 -20.39 -30.64
CA GLN C 57 -13.39 -20.60 -32.00
C GLN C 57 -14.90 -20.53 -31.94
N ILE C 58 -15.49 -20.06 -33.05
CA ILE C 58 -16.94 -20.14 -33.37
C ILE C 58 -17.03 -20.91 -34.69
N ASN C 59 -17.85 -21.96 -34.71
CA ASN C 59 -18.04 -22.90 -35.86
C ASN C 59 -16.68 -23.27 -36.46
N GLY C 60 -15.64 -23.47 -35.64
CA GLY C 60 -14.32 -23.96 -36.12
C GLY C 60 -13.42 -22.85 -36.65
N GLU C 61 -13.88 -21.60 -36.66
CA GLU C 61 -13.04 -20.42 -37.02
C GLU C 61 -12.33 -19.88 -35.76
N ASN C 62 -11.04 -19.58 -35.84
CA ASN C 62 -10.25 -18.93 -34.75
C ASN C 62 -10.80 -17.52 -34.51
N CYS C 63 -11.00 -17.15 -33.24
CA CYS C 63 -11.50 -15.83 -32.79
C CYS C 63 -10.33 -14.87 -32.61
N ALA C 64 -9.11 -15.40 -32.50
CA ALA C 64 -7.88 -14.58 -32.35
C ALA C 64 -8.05 -13.34 -33.27
N GLY C 65 -7.87 -12.15 -32.60
CA GLY C 65 -7.67 -10.84 -33.28
C GLY C 65 -8.99 -10.17 -33.60
N TRP C 66 -10.07 -10.95 -33.66
CA TRP C 66 -11.42 -10.45 -34.02
C TRP C 66 -11.74 -9.24 -33.12
N SER C 67 -12.37 -8.21 -33.73
CA SER C 67 -13.06 -7.12 -32.99
C SER C 67 -14.28 -7.72 -32.29
N SER C 68 -14.78 -7.04 -31.25
CA SER C 68 -16.06 -7.37 -30.58
C SER C 68 -17.18 -7.28 -31.62
N ASP C 69 -16.99 -6.46 -32.65
CA ASP C 69 -18.01 -6.21 -33.70
C ASP C 69 -18.01 -7.43 -34.63
N LYS C 70 -16.80 -7.85 -35.09
CA LYS C 70 -16.69 -9.08 -35.93
C LYS C 70 -17.43 -10.23 -35.23
N ALA C 71 -16.96 -10.59 -34.01
CA ALA C 71 -17.54 -11.72 -33.22
C ALA C 71 -19.07 -11.67 -33.28
N HIS C 72 -19.66 -10.48 -33.03
CA HIS C 72 -21.14 -10.30 -33.04
C HIS C 72 -21.74 -10.50 -34.44
N LYS C 73 -21.00 -10.10 -35.48
CA LYS C 73 -21.47 -10.25 -36.88
C LYS C 73 -21.50 -11.75 -37.22
N VAL C 74 -20.43 -12.46 -36.92
CA VAL C 74 -20.33 -13.93 -37.20
C VAL C 74 -21.54 -14.62 -36.54
N LEU C 75 -21.79 -14.37 -35.25
CA LEU C 75 -22.91 -15.10 -34.59
C LEU C 75 -24.24 -14.60 -35.15
N LYS C 76 -24.33 -13.31 -35.50
CA LYS C 76 -25.62 -12.76 -36.03
C LYS C 76 -25.92 -13.51 -37.33
N GLN C 77 -24.88 -13.75 -38.14
CA GLN C 77 -24.93 -14.36 -39.49
C GLN C 77 -24.99 -15.89 -39.43
N ALA C 78 -24.56 -16.48 -38.31
CA ALA C 78 -24.57 -17.96 -38.10
C ALA C 78 -25.99 -18.49 -38.26
N PHE C 79 -26.24 -19.32 -39.27
CA PHE C 79 -27.55 -20.01 -39.45
C PHE C 79 -27.34 -21.47 -39.81
N GLY C 80 -26.75 -22.22 -38.88
CA GLY C 80 -26.91 -23.68 -38.80
C GLY C 80 -28.13 -24.01 -37.96
N GLU C 81 -28.42 -25.30 -37.82
CA GLU C 81 -29.32 -25.80 -36.74
C GLU C 81 -28.51 -25.85 -35.44
N LYS C 82 -27.17 -25.81 -35.52
CA LYS C 82 -26.30 -25.68 -34.33
C LYS C 82 -25.26 -24.58 -34.58
N ILE C 83 -24.80 -23.95 -33.50
CA ILE C 83 -23.55 -23.15 -33.41
C ILE C 83 -22.60 -23.91 -32.50
N THR C 84 -21.39 -24.20 -32.93
CA THR C 84 -20.31 -24.73 -32.05
C THR C 84 -19.45 -23.54 -31.60
N MET C 85 -19.04 -23.57 -30.32
CA MET C 85 -18.06 -22.64 -29.71
C MET C 85 -17.05 -23.49 -28.96
N THR C 86 -15.78 -23.15 -29.06
CA THR C 86 -14.70 -23.72 -28.25
C THR C 86 -14.25 -22.67 -27.22
N ILE C 87 -14.02 -23.10 -25.97
CA ILE C 87 -13.98 -22.21 -24.78
C ILE C 87 -12.79 -22.58 -23.88
N ARG C 88 -12.21 -21.58 -23.20
CA ARG C 88 -11.53 -21.76 -21.89
C ARG C 88 -12.46 -21.22 -20.82
N ASP C 89 -12.60 -21.95 -19.71
CA ASP C 89 -13.46 -21.58 -18.57
C ASP C 89 -12.73 -20.48 -17.78
N ARG C 90 -13.41 -19.34 -17.59
CA ARG C 90 -13.01 -18.20 -16.71
C ARG C 90 -11.53 -17.98 -16.50
N PRO C 91 -10.71 -17.87 -17.58
CA PRO C 91 -9.27 -17.97 -17.44
C PRO C 91 -8.53 -16.87 -16.66
N PHE C 92 -9.13 -15.68 -16.54
CA PHE C 92 -8.60 -14.54 -15.76
C PHE C 92 -8.97 -14.70 -14.26
N GLU C 93 -10.01 -15.61 -13.99
CA GLU C 93 -10.51 -15.75 -12.60
C GLU C 93 -9.83 -16.86 -11.81
N ARG C 94 -10.05 -16.82 -10.48
N ARG C 94 -10.05 -16.84 -10.48
CA ARG C 94 -9.62 -17.87 -9.52
CA ARG C 94 -9.61 -17.90 -9.54
C ARG C 94 -10.76 -18.05 -8.50
C ARG C 94 -10.69 -18.03 -8.46
N THR C 95 -10.86 -19.23 -7.91
CA THR C 95 -11.86 -19.50 -6.83
C THR C 95 -11.07 -19.48 -5.53
N ILE C 96 -11.63 -18.90 -4.48
CA ILE C 96 -11.00 -18.91 -3.13
C ILE C 96 -12.05 -19.44 -2.16
N THR C 97 -11.76 -20.51 -1.42
CA THR C 97 -12.72 -21.06 -0.44
C THR C 97 -12.32 -20.71 1.00
N MET C 98 -13.28 -20.16 1.73
CA MET C 98 -13.08 -19.61 3.08
C MET C 98 -14.17 -20.14 4.02
N HIS C 99 -13.85 -20.20 5.30
CA HIS C 99 -14.75 -20.69 6.38
C HIS C 99 -15.20 -19.51 7.25
N LYS C 100 -16.49 -19.33 7.43
CA LYS C 100 -17.01 -18.33 8.39
C LYS C 100 -16.49 -18.68 9.79
N ASP C 101 -16.27 -17.65 10.62
CA ASP C 101 -15.94 -17.78 12.05
C ASP C 101 -17.25 -18.03 12.81
N SER C 102 -17.19 -18.15 14.13
CA SER C 102 -18.37 -18.23 15.04
C SER C 102 -19.41 -17.15 14.73
N THR C 103 -18.97 -15.91 14.45
CA THR C 103 -19.89 -14.74 14.31
C THR C 103 -20.39 -14.59 12.87
N GLY C 104 -19.88 -15.43 11.94
CA GLY C 104 -20.38 -15.48 10.55
C GLY C 104 -19.64 -14.51 9.65
N HIS C 105 -18.42 -14.12 10.02
CA HIS C 105 -17.54 -13.22 9.20
C HIS C 105 -16.52 -14.08 8.44
N VAL C 106 -16.23 -13.75 7.18
CA VAL C 106 -15.21 -14.47 6.34
C VAL C 106 -13.85 -13.75 6.47
N GLY C 107 -13.90 -12.43 6.63
CA GLY C 107 -12.74 -11.59 7.00
C GLY C 107 -12.29 -10.68 5.89
N PHE C 108 -13.20 -10.01 5.16
CA PHE C 108 -12.75 -9.00 4.17
C PHE C 108 -13.85 -7.95 4.03
N ILE C 109 -13.47 -6.81 3.45
CA ILE C 109 -14.42 -5.71 3.13
C ILE C 109 -14.36 -5.49 1.62
N PHE C 110 -15.51 -5.19 1.00
CA PHE C 110 -15.60 -4.87 -0.43
C PHE C 110 -16.49 -3.63 -0.67
N LYS C 111 -16.24 -2.93 -1.78
CA LYS C 111 -17.01 -1.74 -2.23
C LYS C 111 -17.16 -1.81 -3.76
N ASN C 112 -18.38 -1.66 -4.28
CA ASN C 112 -18.71 -1.89 -5.72
C ASN C 112 -18.17 -3.24 -6.18
N GLY C 113 -18.41 -4.32 -5.43
CA GLY C 113 -18.02 -5.69 -5.81
C GLY C 113 -16.53 -5.95 -5.70
N LYS C 114 -15.74 -4.92 -5.40
CA LYS C 114 -14.25 -4.99 -5.30
C LYS C 114 -13.86 -5.21 -3.83
N ILE C 115 -12.79 -6.10 -3.66
CA ILE C 115 -12.29 -6.42 -2.30
C ILE C 115 -11.31 -5.32 -1.89
N THR C 116 -11.56 -4.67 -0.74
CA THR C 116 -10.78 -3.46 -0.37
C THR C 116 -9.81 -3.71 0.79
N SER C 117 -10.10 -4.65 1.70
CA SER C 117 -9.21 -5.01 2.83
C SER C 117 -9.46 -6.45 3.27
N ILE C 118 -8.41 -7.07 3.80
CA ILE C 118 -8.43 -8.42 4.41
C ILE C 118 -8.23 -8.22 5.90
N VAL C 119 -9.04 -8.88 6.72
CA VAL C 119 -8.85 -8.78 8.19
C VAL C 119 -7.71 -9.75 8.56
N LYS C 120 -6.79 -9.28 9.40
CA LYS C 120 -5.72 -10.10 10.03
C LYS C 120 -6.37 -11.26 10.81
N ASP C 121 -5.75 -12.45 10.78
CA ASP C 121 -6.21 -13.65 11.51
C ASP C 121 -7.64 -14.02 11.11
N SER C 122 -7.94 -14.07 9.80
CA SER C 122 -9.27 -14.48 9.29
C SER C 122 -9.07 -15.58 8.24
N SER C 123 -10.14 -16.25 7.80
CA SER C 123 -10.07 -17.28 6.74
C SER C 123 -9.62 -16.64 5.40
N ALA C 124 -10.12 -15.44 5.10
CA ALA C 124 -9.71 -14.61 3.94
C ALA C 124 -8.19 -14.50 3.95
N ALA C 125 -7.61 -14.05 5.07
CA ALA C 125 -6.15 -13.94 5.24
C ALA C 125 -5.46 -15.30 5.09
N ARG C 126 -5.94 -16.34 5.78
CA ARG C 126 -5.31 -17.69 5.81
C ARG C 126 -5.30 -18.26 4.40
N ASN C 127 -6.35 -17.96 3.63
CA ASN C 127 -6.54 -18.44 2.23
C ASN C 127 -5.97 -17.45 1.18
N GLY C 128 -5.13 -16.46 1.62
CA GLY C 128 -4.51 -15.50 0.70
C GLY C 128 -5.54 -14.82 -0.19
N LEU C 129 -6.68 -14.41 0.33
CA LEU C 129 -7.58 -13.54 -0.47
C LEU C 129 -6.78 -12.25 -0.73
N LEU C 130 -7.14 -11.56 -1.86
CA LEU C 130 -6.33 -10.41 -2.35
C LEU C 130 -7.29 -9.24 -2.53
N THR C 131 -6.78 -8.02 -2.30
CA THR C 131 -7.50 -6.74 -2.57
C THR C 131 -7.34 -6.40 -4.05
N GLU C 132 -8.12 -5.43 -4.53
CA GLU C 132 -8.03 -5.02 -5.95
C GLU C 132 -8.26 -6.29 -6.82
N HIS C 133 -9.46 -6.92 -6.43
CA HIS C 133 -10.03 -8.08 -7.17
C HIS C 133 -11.53 -7.91 -7.09
N ASN C 134 -12.18 -7.95 -8.24
CA ASN C 134 -13.65 -7.97 -8.26
C ASN C 134 -14.14 -9.37 -7.91
N ILE C 135 -15.26 -9.40 -7.16
CA ILE C 135 -16.06 -10.62 -6.87
C ILE C 135 -17.04 -10.88 -8.03
N CYS C 136 -16.74 -11.95 -8.80
CA CYS C 136 -17.57 -12.36 -9.97
C CYS C 136 -18.70 -13.27 -9.53
N GLU C 137 -18.36 -14.29 -8.74
CA GLU C 137 -19.35 -15.32 -8.34
C GLU C 137 -19.20 -15.62 -6.85
N ILE C 138 -20.31 -15.99 -6.22
CA ILE C 138 -20.33 -16.55 -4.84
C ILE C 138 -20.97 -17.95 -4.92
N ASN C 139 -20.21 -18.98 -4.59
CA ASN C 139 -20.65 -20.40 -4.69
C ASN C 139 -21.30 -20.61 -6.08
N GLY C 140 -20.60 -20.21 -7.15
CA GLY C 140 -20.95 -20.56 -8.54
C GLY C 140 -21.98 -19.61 -9.14
N GLN C 141 -22.52 -18.72 -8.28
CA GLN C 141 -23.53 -17.71 -8.72
C GLN C 141 -22.72 -16.42 -9.12
N ASN C 142 -23.14 -15.99 -10.42
CA ASN C 142 -22.70 -14.69 -10.99
C ASN C 142 -23.37 -13.58 -10.19
N VAL C 143 -22.61 -12.64 -9.61
CA VAL C 143 -23.17 -11.51 -8.81
C VAL C 143 -22.79 -10.17 -9.47
N ILE C 144 -22.45 -10.22 -10.77
CA ILE C 144 -22.00 -9.02 -11.53
C ILE C 144 -23.22 -8.12 -11.82
N GLY C 145 -23.13 -6.85 -11.41
CA GLY C 145 -24.18 -5.84 -11.61
C GLY C 145 -25.06 -5.69 -10.38
N LEU C 146 -24.92 -6.58 -9.39
CA LEU C 146 -25.72 -6.57 -8.13
C LEU C 146 -25.14 -5.54 -7.16
N LYS C 147 -26.01 -4.86 -6.40
CA LYS C 147 -25.62 -3.85 -5.38
C LYS C 147 -24.83 -4.52 -4.26
N ASP C 148 -23.90 -3.79 -3.65
CA ASP C 148 -23.10 -4.29 -2.50
C ASP C 148 -24.06 -4.98 -1.50
N SER C 149 -25.28 -4.44 -1.29
CA SER C 149 -26.21 -4.94 -0.24
C SER C 149 -26.80 -6.36 -0.57
N GLN C 150 -26.87 -6.60 -1.92
CA GLN C 150 -27.32 -7.90 -2.45
C GLN C 150 -26.17 -8.91 -2.32
N ILE C 151 -24.95 -8.48 -2.63
CA ILE C 151 -23.75 -9.36 -2.59
C ILE C 151 -23.55 -9.84 -1.16
N ALA C 152 -23.82 -8.96 -0.19
CA ALA C 152 -23.50 -9.21 1.23
C ALA C 152 -24.61 -10.11 1.81
N ASP C 153 -25.84 -9.82 1.42
CA ASP C 153 -27.05 -10.62 1.78
C ASP C 153 -26.92 -12.08 1.30
N ILE C 154 -26.22 -12.29 0.15
CA ILE C 154 -25.89 -13.64 -0.41
C ILE C 154 -24.76 -14.24 0.41
N LEU C 155 -23.76 -13.44 0.74
CA LEU C 155 -22.63 -13.93 1.57
C LEU C 155 -23.19 -14.42 2.91
N SER C 156 -24.15 -13.69 3.51
CA SER C 156 -24.80 -14.05 4.80
C SER C 156 -25.47 -15.43 4.66
N THR C 157 -26.25 -15.63 3.58
CA THR C 157 -27.10 -16.83 3.39
C THR C 157 -26.29 -17.98 2.78
N SER C 158 -25.03 -17.76 2.42
CA SER C 158 -24.14 -18.91 2.18
C SER C 158 -24.06 -19.68 3.51
N GLY C 159 -23.56 -20.92 3.46
CA GLY C 159 -23.30 -21.70 4.69
C GLY C 159 -22.04 -21.18 5.33
N THR C 160 -21.36 -22.01 6.12
CA THR C 160 -20.11 -21.61 6.80
C THR C 160 -18.97 -21.68 5.79
N VAL C 161 -19.13 -22.43 4.70
CA VAL C 161 -18.08 -22.58 3.65
C VAL C 161 -18.49 -21.70 2.47
N VAL C 162 -17.64 -20.76 2.06
CA VAL C 162 -18.00 -19.71 1.09
C VAL C 162 -16.94 -19.70 -0.01
N THR C 163 -17.32 -20.01 -1.25
CA THR C 163 -16.37 -19.96 -2.38
C THR C 163 -16.60 -18.68 -3.17
N ILE C 164 -15.54 -17.88 -3.33
CA ILE C 164 -15.57 -16.57 -4.06
C ILE C 164 -14.75 -16.77 -5.34
N THR C 165 -15.34 -16.47 -6.49
CA THR C 165 -14.61 -16.39 -7.79
C THR C 165 -14.20 -14.93 -7.97
N ILE C 166 -12.91 -14.68 -8.07
CA ILE C 166 -12.42 -13.28 -8.15
C ILE C 166 -11.60 -13.12 -9.42
N MET C 167 -11.50 -11.87 -9.87
CA MET C 167 -10.71 -11.42 -11.05
C MET C 167 -10.00 -10.13 -10.69
N PRO C 168 -8.72 -9.97 -11.10
CA PRO C 168 -8.04 -8.68 -10.99
C PRO C 168 -8.90 -7.51 -11.54
N ALA C 169 -9.07 -6.47 -10.68
CA ALA C 169 -10.00 -5.34 -10.92
C ALA C 169 -9.74 -4.71 -12.30
N PHE C 170 -8.47 -4.61 -12.70
N PHE C 170 -8.50 -4.47 -12.65
CA PHE C 170 -8.03 -3.90 -13.95
CA PHE C 170 -8.16 -3.88 -13.97
C PHE C 170 -8.36 -4.72 -15.21
C PHE C 170 -8.89 -4.70 -15.06
N ILE C 171 -8.61 -6.04 -15.06
CA ILE C 171 -9.13 -6.91 -16.15
C ILE C 171 -10.65 -6.80 -16.13
N PHE C 172 -11.24 -6.98 -14.95
CA PHE C 172 -12.69 -6.82 -14.75
C PHE C 172 -13.15 -5.49 -15.36
N GLU C 173 -12.43 -4.41 -15.03
CA GLU C 173 -12.78 -3.04 -15.52
C GLU C 173 -12.68 -3.01 -17.05
N HIS C 174 -11.66 -3.65 -17.61
CA HIS C 174 -11.54 -3.80 -19.09
C HIS C 174 -12.79 -4.54 -19.62
N ILE C 175 -13.01 -5.79 -19.17
CA ILE C 175 -14.07 -6.70 -19.72
C ILE C 175 -15.43 -6.01 -19.73
N ILE C 176 -15.75 -5.17 -18.75
CA ILE C 176 -17.12 -4.57 -18.70
C ILE C 176 -17.18 -3.26 -19.51
N LYS C 177 -16.08 -2.82 -20.14
CA LYS C 177 -16.08 -1.67 -21.09
C LYS C 177 -17.06 -1.97 -22.22
N ARG C 178 -17.57 -0.91 -22.87
CA ARG C 178 -18.34 -1.01 -24.15
C ARG C 178 -19.64 -1.72 -23.77
N MET C 179 -20.11 -1.50 -22.54
CA MET C 179 -21.42 -2.00 -22.06
C MET C 179 -21.93 -1.02 -21.01
N ALA C 180 -23.24 -0.75 -21.01
CA ALA C 180 -23.90 0.23 -20.13
C ALA C 180 -24.32 -0.47 -18.84
N PRO C 181 -23.81 -0.01 -17.66
CA PRO C 181 -24.18 -0.59 -16.36
C PRO C 181 -25.67 -0.88 -16.19
N SER C 182 -26.55 -0.06 -16.77
CA SER C 182 -28.03 -0.22 -16.69
C SER C 182 -28.46 -1.47 -17.46
N ILE C 183 -27.79 -1.76 -18.58
CA ILE C 183 -28.06 -2.96 -19.43
C ILE C 183 -27.43 -4.18 -18.73
N MET C 184 -26.21 -4.02 -18.19
CA MET C 184 -25.49 -5.09 -17.45
C MET C 184 -26.34 -5.63 -16.31
N LYS C 185 -26.84 -4.75 -15.44
CA LYS C 185 -27.62 -5.13 -14.23
C LYS C 185 -28.92 -5.84 -14.64
N SER C 186 -29.64 -5.29 -15.62
CA SER C 186 -30.97 -5.80 -16.07
C SER C 186 -30.91 -7.21 -16.66
N LEU C 187 -29.87 -7.50 -17.45
CA LEU C 187 -29.82 -8.68 -18.34
C LEU C 187 -28.93 -9.78 -17.75
N MET C 188 -27.89 -9.38 -16.97
CA MET C 188 -26.87 -10.35 -16.50
C MET C 188 -27.56 -11.55 -15.78
N ASP C 189 -27.10 -12.76 -16.17
CA ASP C 189 -27.48 -14.07 -15.58
C ASP C 189 -27.04 -14.15 -14.10
N HIS C 190 -27.97 -14.37 -13.16
CA HIS C 190 -27.72 -14.69 -11.72
C HIS C 190 -28.60 -15.91 -11.28
N THR C 191 -28.90 -16.71 -12.31
CA THR C 191 -29.42 -18.11 -12.34
C THR C 191 -28.56 -19.04 -11.46
N ILE C 192 -29.22 -19.96 -10.77
CA ILE C 192 -28.56 -21.13 -10.09
C ILE C 192 -28.96 -22.35 -10.90
N PRO C 193 -28.01 -23.03 -11.59
CA PRO C 193 -28.35 -24.08 -12.57
C PRO C 193 -28.92 -25.35 -11.91
N GLU C 194 -28.24 -25.84 -10.87
CA GLU C 194 -28.66 -27.00 -10.05
C GLU C 194 -28.39 -26.67 -8.57
N VAL C 195 -29.33 -26.98 -7.70
CA VAL C 195 -29.14 -26.87 -6.22
C VAL C 195 -28.69 -28.23 -5.70
N ILE D 5 -29.29 15.12 24.62
CA ILE D 5 -29.55 16.60 24.72
C ILE D 5 -30.58 16.84 25.82
N LYS D 6 -30.16 17.43 26.93
CA LYS D 6 -31.01 17.71 28.12
C LYS D 6 -32.03 18.80 27.78
N GLN D 7 -33.32 18.58 28.06
CA GLN D 7 -34.34 19.67 28.05
C GLN D 7 -34.16 20.49 29.35
N GLY D 8 -34.68 21.71 29.41
CA GLY D 8 -34.56 22.58 30.59
C GLY D 8 -33.17 23.19 30.76
N ILE D 9 -32.98 23.90 31.87
CA ILE D 9 -31.77 24.74 32.14
C ILE D 9 -30.94 24.09 33.25
N ARG D 10 -29.61 24.10 33.12
CA ARG D 10 -28.67 23.55 34.13
C ARG D 10 -27.53 24.54 34.40
N GLU D 11 -27.28 24.85 35.67
CA GLU D 11 -26.12 25.67 36.13
C GLU D 11 -24.84 24.84 36.04
N VAL D 12 -23.71 25.49 35.73
CA VAL D 12 -22.34 24.91 35.89
C VAL D 12 -21.48 25.93 36.65
N ILE D 13 -20.40 25.43 37.25
CA ILE D 13 -19.43 26.25 38.07
C ILE D 13 -18.02 25.89 37.59
N LEU D 14 -17.31 26.85 37.00
CA LEU D 14 -15.91 26.70 36.51
C LEU D 14 -14.98 27.50 37.42
N CYS D 15 -13.69 27.19 37.28
CA CYS D 15 -12.56 28.02 37.75
C CYS D 15 -11.68 28.35 36.54
N LYS D 16 -11.26 29.61 36.38
CA LYS D 16 -10.25 29.99 35.37
C LYS D 16 -9.05 29.08 35.56
N ASP D 17 -8.27 28.82 34.50
CA ASP D 17 -7.00 28.04 34.60
C ASP D 17 -5.85 28.99 34.96
N GLN D 18 -4.60 28.50 34.90
CA GLN D 18 -3.40 29.26 35.31
C GLN D 18 -3.08 30.38 34.31
N ASP D 19 -3.78 30.42 33.17
CA ASP D 19 -3.57 31.48 32.13
C ASP D 19 -4.69 32.53 32.24
N GLY D 20 -5.63 32.34 33.17
CA GLY D 20 -6.83 33.19 33.33
C GLY D 20 -7.93 32.84 32.34
N LYS D 21 -7.84 31.66 31.72
CA LYS D 21 -8.71 31.23 30.59
C LYS D 21 -9.75 30.23 31.12
N ILE D 22 -10.98 30.29 30.60
CA ILE D 22 -12.01 29.24 30.86
C ILE D 22 -12.12 28.31 29.64
N GLY D 23 -11.74 28.78 28.45
CA GLY D 23 -11.63 27.96 27.22
C GLY D 23 -12.92 27.98 26.41
N LEU D 24 -13.43 29.18 26.10
CA LEU D 24 -14.71 29.42 25.41
C LEU D 24 -14.53 30.50 24.34
N ARG D 25 -15.28 30.41 23.25
CA ARG D 25 -15.67 31.60 22.45
C ARG D 25 -17.19 31.66 22.36
N LEU D 26 -17.70 32.87 22.24
CA LEU D 26 -19.15 33.13 22.27
C LEU D 26 -19.51 33.94 21.02
N LYS D 27 -20.78 33.86 20.64
CA LYS D 27 -21.32 34.51 19.42
C LYS D 27 -22.71 35.00 19.79
N SER D 28 -23.04 36.26 19.50
CA SER D 28 -24.40 36.81 19.57
C SER D 28 -25.19 36.18 18.43
N ILE D 29 -26.33 35.58 18.74
CA ILE D 29 -27.33 35.08 17.75
C ILE D 29 -28.70 35.36 18.31
N ASP D 30 -29.55 36.06 17.57
CA ASP D 30 -30.97 36.30 17.91
C ASP D 30 -31.06 36.83 19.36
N ASN D 31 -30.09 37.67 19.77
CA ASN D 31 -30.04 38.33 21.10
C ASN D 31 -29.86 37.27 22.20
N GLY D 32 -29.16 36.18 21.84
CA GLY D 32 -28.72 35.11 22.75
C GLY D 32 -27.23 35.02 22.63
N ILE D 33 -26.59 34.38 23.61
CA ILE D 33 -25.14 34.10 23.50
C ILE D 33 -25.00 32.58 23.42
N PHE D 34 -24.15 32.12 22.52
CA PHE D 34 -24.06 30.70 22.11
C PHE D 34 -22.60 30.34 22.09
N VAL D 35 -22.30 29.11 22.48
CA VAL D 35 -20.88 28.69 22.45
C VAL D 35 -20.54 28.36 21.00
N GLN D 36 -19.56 29.07 20.48
CA GLN D 36 -18.98 28.90 19.13
C GLN D 36 -17.77 27.95 19.23
N LEU D 37 -17.19 27.83 20.43
CA LEU D 37 -16.01 26.95 20.67
C LEU D 37 -15.92 26.53 22.14
N VAL D 38 -15.50 25.27 22.36
CA VAL D 38 -15.00 24.77 23.68
C VAL D 38 -13.59 24.28 23.45
N GLN D 39 -12.60 24.79 24.20
CA GLN D 39 -11.19 24.31 24.14
C GLN D 39 -11.14 22.89 24.70
N ALA D 40 -10.31 22.05 24.06
CA ALA D 40 -9.88 20.72 24.56
C ALA D 40 -9.17 20.92 25.91
N ASN D 41 -9.66 20.20 26.92
CA ASN D 41 -9.03 19.95 28.25
C ASN D 41 -9.24 21.18 29.16
N SER D 42 -9.95 22.21 28.65
CA SER D 42 -10.20 23.50 29.32
C SER D 42 -11.20 23.34 30.47
N PRO D 43 -11.25 24.34 31.37
CA PRO D 43 -12.27 24.37 32.43
C PRO D 43 -13.73 24.24 31.93
N ALA D 44 -14.07 24.99 30.88
CA ALA D 44 -15.35 24.89 30.13
C ALA D 44 -15.68 23.42 29.79
N SER D 45 -14.80 22.69 29.09
CA SER D 45 -14.99 21.25 28.74
C SER D 45 -15.24 20.43 30.01
N LEU D 46 -14.34 20.50 31.00
CA LEU D 46 -14.33 19.63 32.20
C LEU D 46 -15.68 19.70 32.94
N VAL D 47 -16.41 20.83 32.92
CA VAL D 47 -17.79 20.91 33.50
C VAL D 47 -18.86 20.56 32.44
N GLY D 48 -18.45 20.20 31.21
CA GLY D 48 -19.39 19.65 30.20
C GLY D 48 -20.06 20.70 29.32
N LEU D 49 -19.39 21.84 29.08
CA LEU D 49 -19.87 22.84 28.09
C LEU D 49 -19.57 22.27 26.71
N ARG D 50 -20.47 22.55 25.76
CA ARG D 50 -20.49 22.03 24.37
C ARG D 50 -20.81 23.18 23.39
N PHE D 51 -20.06 23.25 22.27
CA PHE D 51 -20.42 24.04 21.08
C PHE D 51 -21.94 24.04 20.83
N GLY D 52 -22.54 25.23 20.71
CA GLY D 52 -23.98 25.43 20.44
C GLY D 52 -24.80 25.54 21.71
N ASP D 53 -24.21 25.29 22.89
CA ASP D 53 -24.94 25.59 24.16
C ASP D 53 -25.26 27.08 24.16
N GLN D 54 -26.36 27.43 24.78
CA GLN D 54 -26.75 28.82 25.07
C GLN D 54 -26.38 29.14 26.53
N VAL D 55 -25.72 30.29 26.75
CA VAL D 55 -25.44 30.89 28.07
C VAL D 55 -26.58 31.84 28.45
N LEU D 56 -27.43 31.47 29.41
CA LEU D 56 -28.56 32.30 29.92
C LEU D 56 -28.05 33.39 30.88
N GLN D 57 -27.45 33.00 32.01
CA GLN D 57 -26.81 33.94 32.96
C GLN D 57 -25.31 33.75 32.84
N ILE D 58 -24.54 34.77 33.23
CA ILE D 58 -23.17 34.62 33.80
C ILE D 58 -23.13 35.36 35.15
N ASN D 59 -22.71 34.63 36.18
CA ASN D 59 -22.63 35.09 37.58
C ASN D 59 -23.94 35.77 37.97
N GLY D 60 -25.09 35.22 37.53
CA GLY D 60 -26.42 35.77 37.83
C GLY D 60 -26.92 36.90 36.92
N GLU D 61 -26.04 37.38 36.02
CA GLU D 61 -26.37 38.44 35.01
C GLU D 61 -26.90 37.78 33.73
N ASN D 62 -28.12 38.14 33.31
CA ASN D 62 -28.72 37.69 32.03
C ASN D 62 -27.84 38.16 30.86
N CYS D 63 -27.44 37.24 29.97
CA CYS D 63 -26.64 37.56 28.75
C CYS D 63 -27.53 38.10 27.62
N ALA D 64 -28.86 38.02 27.80
CA ALA D 64 -29.86 38.54 26.86
C ALA D 64 -29.34 39.86 26.25
N GLY D 65 -28.89 39.80 24.98
CA GLY D 65 -28.73 40.97 24.12
C GLY D 65 -27.31 41.48 24.08
N TRP D 66 -26.41 40.84 24.81
CA TRP D 66 -24.97 41.15 24.79
C TRP D 66 -24.41 40.89 23.39
N SER D 67 -23.55 41.77 22.92
CA SER D 67 -22.71 41.47 21.74
C SER D 67 -21.70 40.41 22.18
N SER D 68 -20.94 39.88 21.23
CA SER D 68 -19.83 38.92 21.46
C SER D 68 -18.84 39.55 22.45
N ASP D 69 -18.37 40.76 22.10
CA ASP D 69 -17.46 41.64 22.88
C ASP D 69 -17.88 41.71 24.35
N LYS D 70 -19.09 42.21 24.63
CA LYS D 70 -19.57 42.33 26.03
C LYS D 70 -19.48 40.99 26.77
N ALA D 71 -19.94 39.90 26.14
CA ALA D 71 -19.98 38.58 26.79
C ALA D 71 -18.54 38.18 27.12
N HIS D 72 -17.61 38.38 26.19
CA HIS D 72 -16.16 38.09 26.36
C HIS D 72 -15.59 38.95 27.51
N LYS D 73 -15.80 40.26 27.42
CA LYS D 73 -15.31 41.24 28.42
C LYS D 73 -15.78 40.76 29.79
N VAL D 74 -17.08 40.50 29.99
CA VAL D 74 -17.66 40.12 31.31
C VAL D 74 -16.98 38.84 31.81
N LEU D 75 -16.50 37.95 30.92
CA LEU D 75 -15.82 36.69 31.30
C LEU D 75 -14.34 36.96 31.60
N LYS D 76 -13.68 37.85 30.86
CA LYS D 76 -12.31 38.31 31.19
C LYS D 76 -12.25 38.97 32.58
N GLN D 77 -13.20 39.86 32.89
CA GLN D 77 -13.18 40.69 34.12
C GLN D 77 -13.76 39.93 35.33
N ALA D 78 -14.29 38.72 35.15
CA ALA D 78 -14.84 37.88 36.24
C ALA D 78 -13.71 37.47 37.19
N PHE D 79 -13.98 37.48 38.50
CA PHE D 79 -13.11 36.87 39.54
C PHE D 79 -13.03 35.36 39.28
N GLY D 80 -11.81 34.82 39.28
CA GLY D 80 -11.46 33.52 38.68
C GLY D 80 -12.02 32.33 39.45
N GLU D 81 -12.15 32.46 40.78
CA GLU D 81 -12.45 31.33 41.72
C GLU D 81 -13.75 30.62 41.29
N LYS D 82 -14.91 31.26 41.48
CA LYS D 82 -16.25 30.72 41.12
C LYS D 82 -16.85 31.55 39.98
N ILE D 83 -17.02 30.96 38.78
CA ILE D 83 -17.86 31.52 37.68
C ILE D 83 -19.13 30.66 37.57
N THR D 84 -20.30 31.30 37.59
CA THR D 84 -21.60 30.62 37.46
C THR D 84 -22.14 30.88 36.04
N MET D 85 -22.38 29.82 35.28
CA MET D 85 -23.10 29.92 33.99
C MET D 85 -24.35 29.07 34.10
N THR D 86 -25.48 29.64 33.71
CA THR D 86 -26.78 28.97 33.56
C THR D 86 -26.94 28.72 32.05
N ILE D 87 -27.27 27.47 31.68
CA ILE D 87 -26.99 26.85 30.34
C ILE D 87 -28.23 26.09 29.84
N ARG D 88 -28.60 26.35 28.58
CA ARG D 88 -29.50 25.47 27.77
C ARG D 88 -28.61 24.60 26.89
N ASP D 89 -28.91 23.29 26.82
CA ASP D 89 -28.10 22.29 26.09
C ASP D 89 -28.48 22.33 24.59
N ARG D 90 -27.46 22.56 23.74
CA ARG D 90 -27.44 22.44 22.26
C ARG D 90 -28.83 22.72 21.65
N PRO D 91 -29.40 23.90 21.90
CA PRO D 91 -30.79 24.13 21.51
C PRO D 91 -31.06 24.27 20.00
N PHE D 92 -30.06 24.56 19.17
CA PHE D 92 -30.19 24.66 17.69
C PHE D 92 -29.95 23.29 17.00
N GLU D 93 -29.65 22.25 17.81
CA GLU D 93 -29.22 20.93 17.29
C GLU D 93 -30.25 19.86 17.65
N ARG D 94 -30.17 18.73 16.92
CA ARG D 94 -31.00 17.53 17.19
C ARG D 94 -30.17 16.28 16.86
N THR D 95 -30.40 15.22 17.64
CA THR D 95 -29.69 13.93 17.41
C THR D 95 -30.60 13.04 16.57
N ILE D 96 -30.02 12.37 15.58
CA ILE D 96 -30.73 11.35 14.76
C ILE D 96 -29.99 10.01 14.94
N THR D 97 -30.65 8.99 15.52
CA THR D 97 -30.09 7.61 15.70
C THR D 97 -30.40 6.76 14.45
N MET D 98 -29.36 6.27 13.77
CA MET D 98 -29.42 5.36 12.59
C MET D 98 -28.67 4.04 12.87
N HIS D 99 -29.10 2.94 12.25
CA HIS D 99 -28.39 1.62 12.27
C HIS D 99 -27.72 1.38 10.91
N LYS D 100 -26.47 0.95 10.94
CA LYS D 100 -25.66 0.63 9.73
C LYS D 100 -26.27 -0.61 9.02
N ASP D 101 -26.23 -0.59 7.67
CA ASP D 101 -26.81 -1.65 6.80
C ASP D 101 -25.78 -2.78 6.77
N SER D 102 -26.02 -3.82 5.97
CA SER D 102 -25.09 -4.99 5.82
C SER D 102 -23.71 -4.53 5.30
N THR D 103 -23.66 -3.37 4.65
CA THR D 103 -22.46 -2.82 3.96
C THR D 103 -21.79 -1.73 4.81
N GLY D 104 -22.24 -1.50 6.05
CA GLY D 104 -21.67 -0.55 7.02
C GLY D 104 -22.19 0.88 6.90
N HIS D 105 -23.21 1.13 6.06
CA HIS D 105 -23.73 2.49 5.72
C HIS D 105 -25.01 2.81 6.47
N VAL D 106 -25.36 4.09 6.48
CA VAL D 106 -26.63 4.61 7.05
C VAL D 106 -27.45 5.30 5.95
N GLY D 107 -26.79 5.72 4.85
CA GLY D 107 -27.46 6.16 3.61
C GLY D 107 -27.61 7.66 3.49
N PHE D 108 -26.50 8.41 3.48
CA PHE D 108 -26.55 9.86 3.14
C PHE D 108 -25.21 10.31 2.55
N ILE D 109 -25.24 11.35 1.70
CA ILE D 109 -24.02 12.09 1.26
C ILE D 109 -23.86 13.33 2.14
N PHE D 110 -22.61 13.67 2.49
CA PHE D 110 -22.33 14.98 3.13
C PHE D 110 -21.08 15.56 2.48
N LYS D 111 -21.09 16.88 2.33
CA LYS D 111 -19.94 17.69 1.83
C LYS D 111 -19.78 18.93 2.72
N ASN D 112 -18.53 19.25 3.08
CA ASN D 112 -18.20 20.36 4.01
C ASN D 112 -19.06 20.18 5.26
N GLY D 113 -19.09 18.94 5.76
CA GLY D 113 -19.91 18.53 6.93
C GLY D 113 -21.40 18.79 6.75
N LYS D 114 -21.87 19.21 5.57
CA LYS D 114 -23.30 19.51 5.36
C LYS D 114 -23.95 18.34 4.58
N ILE D 115 -25.06 17.80 5.09
CA ILE D 115 -25.78 16.64 4.48
C ILE D 115 -26.46 17.12 3.20
N THR D 116 -26.12 16.50 2.06
CA THR D 116 -26.55 16.94 0.70
C THR D 116 -27.59 15.99 0.07
N SER D 117 -27.53 14.67 0.32
CA SER D 117 -28.56 13.71 -0.17
C SER D 117 -28.85 12.59 0.83
N ILE D 118 -30.08 12.09 0.79
CA ILE D 118 -30.56 10.93 1.59
C ILE D 118 -30.85 9.79 0.62
N VAL D 119 -30.22 8.64 0.87
CA VAL D 119 -30.39 7.40 0.07
C VAL D 119 -31.80 6.85 0.33
N LYS D 120 -32.48 6.45 -0.74
CA LYS D 120 -33.83 5.84 -0.66
C LYS D 120 -33.76 4.52 0.12
N ASP D 121 -34.75 4.28 0.98
CA ASP D 121 -34.92 3.02 1.76
C ASP D 121 -33.63 2.77 2.55
N SER D 122 -33.01 3.84 3.07
CA SER D 122 -31.88 3.77 4.04
C SER D 122 -32.41 4.04 5.46
N SER D 123 -31.55 3.69 6.43
CA SER D 123 -31.68 4.10 7.86
C SER D 123 -31.79 5.64 7.98
N ALA D 124 -31.00 6.39 7.23
CA ALA D 124 -31.11 7.86 7.15
C ALA D 124 -32.52 8.25 6.72
N ALA D 125 -33.04 7.61 5.66
CA ALA D 125 -34.42 7.89 5.16
C ALA D 125 -35.44 7.52 6.25
N ARG D 126 -35.27 6.34 6.87
CA ARG D 126 -36.27 5.84 7.87
C ARG D 126 -36.26 6.77 9.09
N ASN D 127 -35.06 7.28 9.46
CA ASN D 127 -34.91 8.13 10.66
C ASN D 127 -34.98 9.65 10.32
N GLY D 128 -35.40 9.96 9.06
CA GLY D 128 -35.82 11.30 8.59
C GLY D 128 -34.69 12.28 8.71
N LEU D 129 -33.48 11.84 8.49
CA LEU D 129 -32.35 12.76 8.30
C LEU D 129 -32.71 13.81 7.25
N LEU D 130 -32.11 15.00 7.31
CA LEU D 130 -32.50 16.14 6.44
C LEU D 130 -31.27 16.65 5.72
N THR D 131 -31.48 17.32 4.60
CA THR D 131 -30.39 18.00 3.87
C THR D 131 -30.33 19.46 4.35
N GLU D 132 -29.36 20.23 3.88
CA GLU D 132 -29.16 21.61 4.40
C GLU D 132 -29.06 21.55 5.94
N HIS D 133 -28.31 20.58 6.46
CA HIS D 133 -28.05 20.39 7.91
C HIS D 133 -26.59 20.01 8.10
N ASN D 134 -25.91 20.66 9.05
CA ASN D 134 -24.47 20.44 9.34
C ASN D 134 -24.35 19.44 10.49
N ILE D 135 -23.38 18.52 10.38
CA ILE D 135 -23.04 17.50 11.42
C ILE D 135 -22.19 18.18 12.49
N CYS D 136 -22.62 18.10 13.75
CA CYS D 136 -21.98 18.79 14.89
C CYS D 136 -21.31 17.77 15.81
N GLU D 137 -21.85 16.56 15.90
CA GLU D 137 -21.32 15.50 16.80
C GLU D 137 -21.66 14.12 16.26
N ILE D 138 -20.80 13.14 16.53
CA ILE D 138 -21.04 11.69 16.20
C ILE D 138 -20.90 10.91 17.51
N ASN D 139 -22.01 10.35 17.99
CA ASN D 139 -22.08 9.68 19.31
C ASN D 139 -21.56 10.64 20.39
N GLY D 140 -22.10 11.87 20.41
CA GLY D 140 -21.72 12.93 21.38
C GLY D 140 -20.33 13.53 21.17
N GLN D 141 -19.55 13.13 20.15
CA GLN D 141 -18.20 13.67 19.86
C GLN D 141 -18.28 14.83 18.86
N ASN D 142 -17.84 16.02 19.27
CA ASN D 142 -17.71 17.27 18.44
C ASN D 142 -16.78 16.98 17.25
N VAL D 143 -17.18 17.29 16.02
CA VAL D 143 -16.39 17.01 14.78
C VAL D 143 -16.20 18.29 13.94
N ILE D 144 -16.69 19.41 14.57
CA ILE D 144 -16.78 20.74 13.89
C ILE D 144 -15.36 21.18 13.56
N GLY D 145 -15.13 21.48 12.29
CA GLY D 145 -13.81 21.89 11.77
C GLY D 145 -12.96 20.72 11.32
N LEU D 146 -13.28 19.47 11.67
CA LEU D 146 -12.54 18.29 11.11
C LEU D 146 -12.86 18.17 9.62
N LYS D 147 -11.95 17.55 8.86
CA LYS D 147 -12.06 17.22 7.42
C LYS D 147 -13.16 16.17 7.20
N ASP D 148 -13.76 16.12 6.00
CA ASP D 148 -14.88 15.19 5.67
C ASP D 148 -14.37 13.76 5.85
N SER D 149 -13.11 13.53 5.52
CA SER D 149 -12.47 12.20 5.63
C SER D 149 -12.44 11.80 7.12
N GLN D 150 -12.05 12.74 7.98
CA GLN D 150 -12.02 12.53 9.46
C GLN D 150 -13.44 12.18 9.93
N ILE D 151 -14.45 12.85 9.38
CA ILE D 151 -15.87 12.64 9.74
C ILE D 151 -16.32 11.26 9.23
N ALA D 152 -15.94 10.88 8.00
CA ALA D 152 -16.10 9.50 7.49
C ALA D 152 -15.51 8.53 8.52
N ASP D 153 -14.23 8.71 8.85
N ASP D 153 -14.22 8.73 8.85
CA ASP D 153 -13.48 7.79 9.74
CA ASP D 153 -13.42 7.86 9.75
C ASP D 153 -14.25 7.59 11.06
C ASP D 153 -14.18 7.64 11.07
N ILE D 154 -14.80 8.68 11.62
CA ILE D 154 -15.47 8.61 12.96
C ILE D 154 -16.81 7.84 12.84
N LEU D 155 -17.58 8.05 11.78
CA LEU D 155 -18.80 7.26 11.43
C LEU D 155 -18.43 5.76 11.34
N SER D 156 -17.39 5.41 10.58
CA SER D 156 -16.99 3.99 10.38
C SER D 156 -16.76 3.34 11.75
N THR D 157 -15.88 3.93 12.58
CA THR D 157 -15.46 3.42 13.91
C THR D 157 -16.61 3.50 14.94
N SER D 158 -17.78 4.02 14.58
CA SER D 158 -19.01 3.89 15.41
C SER D 158 -19.41 2.42 15.49
N GLY D 159 -20.03 2.03 16.61
CA GLY D 159 -20.82 0.78 16.68
C GLY D 159 -21.89 0.81 15.60
N THR D 160 -22.68 -0.25 15.51
CA THR D 160 -23.77 -0.36 14.50
C THR D 160 -24.71 0.84 14.69
N VAL D 161 -25.05 1.15 15.95
CA VAL D 161 -25.93 2.28 16.33
C VAL D 161 -25.10 3.57 16.20
N VAL D 162 -25.44 4.42 15.22
CA VAL D 162 -24.78 5.72 14.92
C VAL D 162 -25.75 6.87 15.27
N THR D 163 -25.40 7.67 16.28
CA THR D 163 -26.19 8.86 16.63
C THR D 163 -25.47 10.08 16.06
N ILE D 164 -26.16 10.91 15.29
CA ILE D 164 -25.49 12.15 14.79
C ILE D 164 -26.32 13.33 15.26
N THR D 165 -25.60 14.38 15.64
CA THR D 165 -26.17 15.66 16.12
C THR D 165 -26.07 16.63 14.95
N ILE D 166 -27.18 17.23 14.59
CA ILE D 166 -27.17 18.08 13.37
C ILE D 166 -27.74 19.46 13.72
N MET D 167 -27.36 20.45 12.90
CA MET D 167 -27.87 21.85 12.95
C MET D 167 -28.30 22.32 11.55
N PRO D 168 -29.44 23.02 11.40
CA PRO D 168 -29.78 23.66 10.13
C PRO D 168 -28.57 24.48 9.62
N ALA D 169 -28.27 24.38 8.31
CA ALA D 169 -27.05 24.93 7.68
C ALA D 169 -26.91 26.45 7.86
N PHE D 170 -28.02 27.17 7.71
N PHE D 170 -28.02 27.18 7.78
CA PHE D 170 -28.10 28.66 7.84
CA PHE D 170 -28.04 28.67 7.81
C PHE D 170 -27.57 29.08 9.21
C PHE D 170 -27.69 29.18 9.23
N ILE D 171 -28.09 28.45 10.27
CA ILE D 171 -27.74 28.78 11.68
C ILE D 171 -26.29 28.45 11.91
N PHE D 172 -25.90 27.24 11.53
CA PHE D 172 -24.50 26.78 11.66
C PHE D 172 -23.55 27.84 11.10
N GLU D 173 -23.86 28.36 9.92
CA GLU D 173 -22.97 29.29 9.16
C GLU D 173 -22.90 30.63 9.91
N HIS D 174 -23.99 30.99 10.58
CA HIS D 174 -24.06 32.19 11.46
C HIS D 174 -23.23 31.94 12.73
N ILE D 175 -23.24 30.72 13.29
CA ILE D 175 -22.55 30.40 14.58
C ILE D 175 -21.04 30.45 14.33
N ILE D 176 -20.56 29.89 13.22
CA ILE D 176 -19.08 29.72 13.02
C ILE D 176 -18.48 31.00 12.40
N LYS D 177 -19.30 31.95 11.95
CA LYS D 177 -18.84 33.25 11.38
C LYS D 177 -17.89 33.96 12.37
N ARG D 178 -16.78 34.54 11.88
CA ARG D 178 -15.78 35.28 12.70
C ARG D 178 -15.10 34.31 13.67
N MET D 179 -14.71 33.14 13.16
CA MET D 179 -13.82 32.16 13.84
C MET D 179 -12.83 31.71 12.78
N ALA D 180 -11.53 31.75 13.10
CA ALA D 180 -10.42 31.47 12.17
C ALA D 180 -10.32 29.97 11.93
N PRO D 181 -10.41 29.52 10.65
CA PRO D 181 -10.33 28.09 10.37
C PRO D 181 -9.28 27.43 11.28
N SER D 182 -8.12 28.07 11.45
CA SER D 182 -6.90 27.56 12.15
C SER D 182 -7.13 27.48 13.66
N ILE D 183 -7.97 28.36 14.20
CA ILE D 183 -8.32 28.40 15.64
C ILE D 183 -9.26 27.21 15.91
N MET D 184 -10.35 27.14 15.14
CA MET D 184 -11.37 26.06 15.12
C MET D 184 -10.63 24.71 14.98
N LYS D 185 -9.78 24.60 13.95
CA LYS D 185 -9.00 23.38 13.58
C LYS D 185 -7.91 23.04 14.60
N SER D 186 -7.64 23.89 15.60
CA SER D 186 -6.54 23.66 16.58
C SER D 186 -6.98 23.69 18.06
N LEU D 187 -8.03 24.44 18.46
CA LEU D 187 -8.39 24.61 19.91
C LEU D 187 -9.60 23.75 20.24
N MET D 188 -10.46 23.52 19.22
CA MET D 188 -11.82 22.94 19.40
C MET D 188 -11.70 21.55 20.03
N ASP D 189 -12.49 21.31 21.09
CA ASP D 189 -12.65 20.05 21.86
C ASP D 189 -13.23 18.95 20.95
N HIS D 190 -12.46 17.87 20.72
CA HIS D 190 -12.87 16.64 19.96
C HIS D 190 -12.69 15.37 20.84
N THR D 191 -12.77 15.58 22.17
CA THR D 191 -12.52 14.55 23.21
C THR D 191 -13.72 13.63 23.37
N ILE D 192 -13.46 12.40 23.84
CA ILE D 192 -14.49 11.36 24.10
C ILE D 192 -14.21 10.77 25.48
N PRO D 193 -15.25 10.30 26.20
CA PRO D 193 -15.08 9.82 27.57
C PRO D 193 -14.06 8.66 27.59
N GLU D 194 -14.07 7.82 26.55
CA GLU D 194 -13.17 6.64 26.46
C GLU D 194 -13.25 6.03 25.06
N VAL D 195 -12.33 5.10 24.78
CA VAL D 195 -12.37 4.21 23.58
C VAL D 195 -12.82 2.82 24.02
C10 YEF E . -10.23 -26.45 -32.67
C13 YEF E . -3.84 -29.29 -33.12
C17 YEF E . -3.96 -29.59 -30.75
C02 YEF E . -2.96 -27.50 -31.65
C04 YEF E . -4.04 -28.58 -31.84
C05 YEF E . -5.50 -27.89 -31.77
C06 YEF E . -6.00 -27.35 -30.58
C07 YEF E . -7.26 -26.76 -30.54
C08 YEF E . -8.06 -26.74 -31.68
C11 YEF E . -7.56 -27.28 -32.86
C12 YEF E . -6.31 -27.86 -32.90
C14 YEF E . -2.53 -30.06 -33.19
C16 YEF E . -2.63 -30.35 -30.73
O01 YEF E . -2.51 -26.85 -32.65
O03 YEF E . -2.47 -27.27 -30.48
O09 YEF E . -9.34 -26.15 -31.63
O15 YEF E . -2.33 -30.96 -32.04
C1 EDO F . -2.77 -4.45 -9.70
O1 EDO F . -2.75 -4.11 -8.33
C2 EDO F . -1.40 -4.57 -10.27
O2 EDO F . -0.80 -5.84 -10.07
C1 EDO G . 44.07 12.91 -1.63
O1 EDO G . 43.06 12.13 -1.04
C2 EDO G . 45.26 12.11 -2.02
O2 EDO G . 45.00 11.17 -3.04
C1 EDO H . 25.09 9.26 11.64
O1 EDO H . 25.11 10.42 12.46
C2 EDO H . 25.73 8.08 12.26
O2 EDO H . 27.07 8.30 12.62
N DGL I . 38.27 7.93 -11.59
CA DGL I . 37.54 8.75 -10.57
C DGL I . 36.63 7.83 -9.74
O DGL I . 36.40 6.68 -10.12
CB DGL I . 38.55 9.49 -9.69
CG DGL I . 39.62 8.58 -9.10
CD DGL I . 40.22 9.05 -7.79
OE1 DGL I . 40.73 8.20 -7.03
OE2 DGL I . 40.20 10.28 -7.53
OXT DGL I . 36.10 8.23 -8.69
C10 YEF J . -18.98 -4.34 3.26
C13 YEF J . -19.43 -11.77 4.34
C17 YEF J . -21.18 -10.71 5.70
C02 YEF J . -18.78 -10.85 6.47
C04 YEF J . -19.73 -10.67 5.29
C05 YEF J . -19.38 -9.20 4.67
C06 YEF J . -18.14 -9.02 4.07
C07 YEF J . -17.79 -7.78 3.54
C08 YEF J . -18.66 -6.70 3.61
C11 YEF J . -19.90 -6.87 4.23
C12 YEF J . -20.25 -8.12 4.76
C14 YEF J . -19.85 -13.14 4.88
C16 YEF J . -21.68 -12.07 6.16
O01 YEF J . -17.63 -11.36 6.30
O03 YEF J . -19.15 -10.49 7.61
O09 YEF J . -18.21 -5.50 3.05
O15 YEF J . -21.27 -13.20 5.31
C1 EDO K . -24.29 -19.05 -13.37
O1 EDO K . -23.07 -18.81 -12.73
C2 EDO K . -25.17 -17.87 -13.25
O2 EDO K . -25.14 -17.34 -11.94
C1 EDO L . -5.92 -5.21 -19.54
O1 EDO L . -6.79 -6.29 -19.24
C2 EDO L . -4.78 -5.61 -20.42
O2 EDO L . -4.91 -5.18 -21.77
C1 EDO M . -4.81 -14.28 -12.95
O1 EDO M . -5.57 -14.40 -11.75
C2 EDO M . -5.59 -14.30 -14.22
O2 EDO M . -4.93 -14.91 -15.34
N GLY N . -10.82 -3.45 -30.70
CA GLY N . -11.97 -2.95 -29.88
C GLY N . -13.00 -4.04 -29.61
O GLY N . -13.40 -4.76 -30.54
OXT GLY N . -13.43 -4.23 -28.46
C1 EDO O . -17.38 16.82 23.65
O1 EDO O . -18.65 16.57 23.07
C2 EDO O . -16.28 17.00 22.65
O2 EDO O . -16.23 16.01 21.66
C1 EDO P . -30.63 34.26 12.00
O1 EDO P . -30.46 34.74 13.32
C2 EDO P . -30.38 32.79 11.88
O2 EDO P . -29.18 32.36 12.48
S SO4 Q . -33.31 1.74 11.46
O1 SO4 Q . -33.09 0.35 11.76
O2 SO4 Q . -32.88 2.02 10.12
O3 SO4 Q . -32.55 2.54 12.38
O4 SO4 Q . -34.71 2.05 11.60
S SO4 R . -13.26 18.53 4.04
O1 SO4 R . -13.92 19.02 2.87
O2 SO4 R . -12.80 17.19 3.80
O3 SO4 R . -14.17 18.54 5.14
O4 SO4 R . -12.12 19.37 4.34
S SO4 S . -12.80 36.99 20.72
O1 SO4 S . -14.00 37.71 20.44
O2 SO4 S . -12.67 35.89 19.80
O3 SO4 S . -11.67 37.88 20.56
O4 SO4 S . -12.83 36.49 22.06
N ALA T . -21.60 7.37 2.94
CA ALA T . -21.47 7.19 4.42
C ALA T . -22.65 6.36 4.97
O ALA T . -23.77 6.37 4.43
CB ALA T . -21.40 8.53 5.10
OXT ALA T . -22.50 5.67 5.97
N DGL U . -22.72 42.19 16.44
CA DGL U . -21.97 40.97 16.00
C DGL U . -21.68 40.08 17.22
O DGL U . -21.18 38.95 17.06
CB DGL U . -22.76 40.21 14.93
CG DGL U . -24.20 39.91 15.33
CD DGL U . -24.86 38.77 14.56
OE1 DGL U . -24.32 38.38 13.49
OE2 DGL U . -25.91 38.28 15.01
OXT DGL U . -21.93 40.48 18.37
N GLY V . -28.29 41.96 18.89
CA GLY V . -27.30 41.81 19.99
C GLY V . -26.02 42.57 19.71
O GLY V . -25.16 42.13 18.92
OXT GLY V . -25.80 43.65 20.25
#